data_7M93
#
_entry.id   7M93
#
_cell.length_a   70.597
_cell.length_b   55.174
_cell.length_c   92.985
_cell.angle_alpha   90.000
_cell.angle_beta   95.050
_cell.angle_gamma   90.000
#
_symmetry.space_group_name_H-M   'P 1 21 1'
#
loop_
_entity.id
_entity.type
_entity.pdbx_description
1 polymer 'Sigma intracellular receptor 2'
2 non-polymer PB28
3 non-polymer '(2R)-2,3-dihydroxypropyl (9Z)-octadec-9-enoate'
4 water water
#
_entity_poly.entity_id   1
_entity_poly.type   'polypeptide(L)'
_entity_poly.pdbx_seq_one_letter_code
;GPGGSSMGTLGARRGLEWFLGFYFLSHIPITLLMDLQGVLPRDLYPVELRNLQQWYIEEFKDPLLQTPPAWFKSFLFCEL
VFQLPFFPIAAYAFFKGGCKWIRTPAIIYSVHTMTTLIPILSTLLLDDFSKASHFRGQGPKTFQERLFLISVYIPYFLIP
LILLLFMVRNPYYK
;
_entity_poly.pdbx_strand_id   A,B,C,D
#
# COMPACT_ATOMS: atom_id res chain seq x y z
N LEU A 10 25.91 -43.75 -3.40
CA LEU A 10 24.81 -42.98 -2.86
C LEU A 10 25.30 -42.04 -1.76
N GLY A 11 24.47 -41.81 -0.77
CA GLY A 11 24.82 -40.94 0.34
C GLY A 11 23.59 -40.29 0.92
N ALA A 12 23.80 -39.61 2.05
CA ALA A 12 22.69 -38.98 2.75
C ALA A 12 22.10 -37.84 1.94
N ARG A 13 22.96 -37.03 1.30
CA ARG A 13 22.47 -35.89 0.52
C ARG A 13 21.68 -36.36 -0.69
N ARG A 14 22.25 -37.24 -1.49
CA ARG A 14 21.56 -37.71 -2.69
C ARG A 14 20.34 -38.55 -2.32
N GLY A 15 20.43 -39.34 -1.25
CA GLY A 15 19.27 -40.08 -0.78
C GLY A 15 18.13 -39.16 -0.37
N LEU A 16 18.45 -38.08 0.35
CA LEU A 16 17.43 -37.11 0.75
C LEU A 16 16.79 -36.44 -0.45
N GLU A 17 17.58 -36.20 -1.51
CA GLU A 17 17.01 -35.65 -2.73
C GLU A 17 16.09 -36.65 -3.41
N TRP A 18 16.44 -37.93 -3.39
CA TRP A 18 15.53 -38.96 -3.90
C TRP A 18 14.24 -38.99 -3.08
N PHE A 19 14.36 -38.95 -1.75
CA PHE A 19 13.18 -38.97 -0.89
C PHE A 19 12.33 -37.72 -1.13
N LEU A 20 12.98 -36.56 -1.28
CA LEU A 20 12.24 -35.33 -1.52
C LEU A 20 11.51 -35.36 -2.87
N GLY A 21 12.16 -35.91 -3.89
CA GLY A 21 11.51 -36.04 -5.18
C GLY A 21 10.28 -36.93 -5.12
N PHE A 22 10.38 -38.04 -4.39
CA PHE A 22 9.21 -38.90 -4.21
C PHE A 22 8.13 -38.22 -3.38
N TYR A 23 8.51 -37.30 -2.50
CA TYR A 23 7.50 -36.56 -1.74
C TYR A 23 6.70 -35.64 -2.65
N PHE A 24 7.38 -34.84 -3.47
CA PHE A 24 6.71 -33.91 -4.35
C PHE A 24 5.94 -34.62 -5.47
N LEU A 25 6.42 -35.78 -5.90
CA LEU A 25 5.73 -36.52 -6.95
C LEU A 25 4.44 -37.14 -6.42
N SER A 26 4.50 -37.72 -5.23
CA SER A 26 3.31 -38.34 -4.65
C SER A 26 2.33 -37.31 -4.11
N HIS A 27 2.78 -36.07 -3.87
CA HIS A 27 1.87 -35.04 -3.38
C HIS A 27 0.92 -34.55 -4.46
N ILE A 28 1.17 -34.87 -5.72
CA ILE A 28 0.32 -34.44 -6.82
C ILE A 28 -0.97 -35.26 -6.82
N PRO A 29 -0.95 -36.60 -6.83
CA PRO A 29 -2.22 -37.33 -6.70
C PRO A 29 -2.88 -37.16 -5.35
N ILE A 30 -2.10 -36.94 -4.27
CA ILE A 30 -2.70 -36.69 -2.97
C ILE A 30 -3.52 -35.42 -2.99
N THR A 31 -3.01 -34.36 -3.62
CA THR A 31 -3.73 -33.09 -3.61
C THR A 31 -4.94 -33.12 -4.53
N LEU A 32 -4.78 -33.64 -5.75
CA LEU A 32 -5.86 -33.59 -6.72
C LEU A 32 -6.97 -34.58 -6.36
N LEU A 33 -6.62 -35.77 -5.93
CA LEU A 33 -7.59 -36.84 -5.72
C LEU A 33 -8.12 -36.92 -4.30
N MET A 34 -7.71 -36.01 -3.41
CA MET A 34 -8.12 -36.13 -2.01
C MET A 34 -8.36 -34.79 -1.35
N ASP A 35 -7.32 -33.96 -1.26
CA ASP A 35 -7.41 -32.74 -0.46
C ASP A 35 -8.32 -31.70 -1.10
N LEU A 36 -8.29 -31.61 -2.42
CA LEU A 36 -9.07 -30.59 -3.13
C LEU A 36 -10.54 -30.95 -3.27
N GLN A 37 -10.98 -32.08 -2.71
CA GLN A 37 -12.39 -32.45 -2.75
C GLN A 37 -13.24 -31.62 -1.80
N GLY A 38 -12.63 -30.77 -0.99
CA GLY A 38 -13.37 -29.89 -0.10
C GLY A 38 -13.31 -28.44 -0.53
N VAL A 39 -12.66 -28.19 -1.67
CA VAL A 39 -12.51 -26.85 -2.22
C VAL A 39 -13.10 -26.83 -3.62
N LEU A 40 -12.94 -27.93 -4.35
CA LEU A 40 -13.50 -28.07 -5.68
C LEU A 40 -14.82 -28.83 -5.63
N PRO A 41 -15.74 -28.55 -6.55
CA PRO A 41 -17.02 -29.28 -6.55
C PRO A 41 -16.81 -30.78 -6.73
N ARG A 42 -17.46 -31.56 -5.89
CA ARG A 42 -17.29 -33.01 -5.96
C ARG A 42 -18.11 -33.65 -7.06
N ASP A 43 -18.84 -32.86 -7.86
CA ASP A 43 -19.44 -33.38 -9.08
C ASP A 43 -18.38 -33.78 -10.11
N LEU A 44 -17.20 -33.17 -10.03
CA LEU A 44 -16.09 -33.46 -10.94
C LEU A 44 -15.33 -34.73 -10.56
N TYR A 45 -15.67 -35.37 -9.45
CA TYR A 45 -14.97 -36.57 -9.01
C TYR A 45 -15.83 -37.81 -9.26
N PRO A 46 -15.23 -38.91 -9.71
CA PRO A 46 -15.98 -40.15 -9.87
C PRO A 46 -16.45 -40.69 -8.53
N VAL A 47 -17.41 -41.63 -8.60
CA VAL A 47 -18.02 -42.17 -7.40
C VAL A 47 -16.99 -42.89 -6.54
N GLU A 48 -16.04 -43.57 -7.17
CA GLU A 48 -15.03 -44.31 -6.41
C GLU A 48 -14.12 -43.36 -5.64
N LEU A 49 -13.71 -42.25 -6.27
CA LEU A 49 -12.85 -41.30 -5.58
C LEU A 49 -13.61 -40.54 -4.49
N ARG A 50 -14.92 -40.33 -4.67
CA ARG A 50 -15.71 -39.75 -3.59
C ARG A 50 -15.86 -40.73 -2.44
N ASN A 51 -15.96 -42.04 -2.73
CA ASN A 51 -16.16 -43.02 -1.68
C ASN A 51 -14.89 -43.26 -0.89
N LEU A 52 -13.72 -43.13 -1.54
CA LEU A 52 -12.46 -43.29 -0.81
C LEU A 52 -12.24 -42.16 0.18
N GLN A 53 -12.65 -40.94 -0.17
CA GLN A 53 -12.56 -39.85 0.80
C GLN A 53 -13.57 -40.03 1.92
N GLN A 54 -14.76 -40.53 1.60
CA GLN A 54 -15.75 -40.80 2.64
C GLN A 54 -15.28 -41.91 3.58
N TRP A 55 -14.51 -42.87 3.05
CA TRP A 55 -13.91 -43.89 3.92
C TRP A 55 -12.91 -43.27 4.87
N TYR A 56 -12.04 -42.38 4.36
CA TYR A 56 -11.02 -41.76 5.21
C TYR A 56 -11.67 -40.90 6.29
N ILE A 57 -12.70 -40.14 5.92
CA ILE A 57 -13.36 -39.25 6.88
C ILE A 57 -14.08 -40.05 7.96
N GLU A 58 -14.66 -41.19 7.61
CA GLU A 58 -15.37 -42.00 8.59
C GLU A 58 -14.42 -42.81 9.45
N GLU A 59 -13.35 -43.35 8.86
CA GLU A 59 -12.44 -44.21 9.61
C GLU A 59 -11.50 -43.41 10.49
N PHE A 60 -10.87 -42.38 9.94
CA PHE A 60 -9.93 -41.57 10.69
C PHE A 60 -10.60 -40.44 11.47
N LYS A 61 -11.90 -40.22 11.27
CA LYS A 61 -12.65 -39.18 11.97
C LYS A 61 -12.05 -37.79 11.73
N ASP A 62 -11.88 -37.46 10.45
CA ASP A 62 -11.28 -36.19 10.07
C ASP A 62 -12.33 -35.08 10.11
N PRO A 63 -12.18 -34.07 10.97
CA PRO A 63 -13.20 -33.03 11.10
C PRO A 63 -13.02 -31.83 10.17
N LEU A 64 -11.96 -31.80 9.38
CA LEU A 64 -11.61 -30.63 8.58
C LEU A 64 -11.74 -30.84 7.09
N LEU A 65 -11.53 -32.07 6.59
CA LEU A 65 -11.38 -32.26 5.17
C LEU A 65 -12.72 -32.17 4.44
N GLN A 66 -13.78 -32.73 5.04
CA GLN A 66 -15.07 -32.75 4.37
C GLN A 66 -15.72 -31.37 4.35
N THR A 67 -16.00 -30.82 5.53
CA THR A 67 -16.60 -29.50 5.67
C THR A 67 -15.56 -28.55 6.25
N PRO A 68 -14.72 -27.95 5.42
CA PRO A 68 -13.59 -27.18 5.95
C PRO A 68 -14.02 -25.82 6.46
N PRO A 69 -13.51 -25.39 7.62
CA PRO A 69 -13.76 -24.03 8.06
C PRO A 69 -13.11 -23.01 7.14
N ALA A 70 -13.31 -21.73 7.41
CA ALA A 70 -12.74 -20.69 6.55
C ALA A 70 -11.22 -20.76 6.54
N TRP A 71 -10.61 -21.00 7.70
CA TRP A 71 -9.15 -21.02 7.75
C TRP A 71 -8.59 -22.23 7.03
N PHE A 72 -9.25 -23.39 7.14
CA PHE A 72 -8.76 -24.58 6.47
C PHE A 72 -8.98 -24.50 4.96
N LYS A 73 -10.03 -23.82 4.52
CA LYS A 73 -10.27 -23.67 3.09
C LYS A 73 -9.19 -22.84 2.43
N SER A 74 -8.73 -21.78 3.10
CA SER A 74 -7.72 -20.91 2.52
C SER A 74 -6.42 -21.66 2.26
N PHE A 75 -6.06 -22.58 3.15
CA PHE A 75 -4.87 -23.39 2.94
C PHE A 75 -5.06 -24.34 1.75
N LEU A 76 -6.25 -24.90 1.59
CA LEU A 76 -6.50 -25.78 0.45
C LEU A 76 -6.44 -25.02 -0.87
N PHE A 77 -6.91 -23.77 -0.89
CA PHE A 77 -6.75 -22.94 -2.07
C PHE A 77 -5.27 -22.60 -2.29
N CYS A 78 -4.52 -22.36 -1.22
CA CYS A 78 -3.09 -22.16 -1.35
C CYS A 78 -2.41 -23.41 -1.89
N GLU A 79 -2.88 -24.59 -1.46
CA GLU A 79 -2.33 -25.84 -1.96
C GLU A 79 -2.61 -26.02 -3.45
N LEU A 80 -3.70 -25.45 -3.94
CA LEU A 80 -4.03 -25.54 -5.36
C LEU A 80 -3.26 -24.52 -6.18
N VAL A 81 -3.34 -23.25 -5.80
CA VAL A 81 -2.80 -22.18 -6.65
C VAL A 81 -1.28 -22.08 -6.53
N PHE A 82 -0.73 -22.32 -5.34
CA PHE A 82 0.69 -22.12 -5.10
C PHE A 82 1.49 -23.41 -5.02
N GLN A 83 0.99 -24.42 -4.31
CA GLN A 83 1.81 -25.60 -4.04
C GLN A 83 1.79 -26.57 -5.22
N LEU A 84 0.61 -26.82 -5.78
CA LEU A 84 0.51 -27.82 -6.84
C LEU A 84 1.37 -27.52 -8.06
N PRO A 85 1.46 -26.28 -8.57
CA PRO A 85 2.37 -26.04 -9.70
C PRO A 85 3.83 -26.22 -9.36
N PHE A 86 4.21 -26.07 -8.09
CA PHE A 86 5.60 -26.24 -7.68
C PHE A 86 5.99 -27.70 -7.51
N PHE A 87 5.02 -28.60 -7.35
CA PHE A 87 5.34 -30.01 -7.12
C PHE A 87 6.13 -30.64 -8.26
N PRO A 88 5.75 -30.51 -9.54
CA PRO A 88 6.57 -31.13 -10.59
C PRO A 88 7.93 -30.47 -10.73
N ILE A 89 8.02 -29.15 -10.55
CA ILE A 89 9.30 -28.47 -10.66
C ILE A 89 10.25 -28.95 -9.58
N ALA A 90 9.75 -29.09 -8.35
CA ALA A 90 10.60 -29.52 -7.24
C ALA A 90 10.99 -30.99 -7.38
N ALA A 91 10.10 -31.83 -7.92
CA ALA A 91 10.45 -33.22 -8.15
C ALA A 91 11.59 -33.33 -9.17
N TYR A 92 11.53 -32.56 -10.24
CA TYR A 92 12.62 -32.57 -11.23
C TYR A 92 13.91 -32.02 -10.64
N ALA A 93 13.82 -31.03 -9.75
CA ALA A 93 15.02 -30.39 -9.21
C ALA A 93 15.82 -31.35 -8.32
N PHE A 94 15.14 -32.20 -7.56
CA PHE A 94 15.83 -33.13 -6.68
C PHE A 94 16.09 -34.48 -7.32
N PHE A 95 15.31 -34.87 -8.32
CA PHE A 95 15.62 -36.08 -9.07
C PHE A 95 16.86 -35.89 -9.93
N LYS A 96 16.97 -34.75 -10.61
CA LYS A 96 18.15 -34.48 -11.43
C LYS A 96 19.36 -34.24 -10.54
N GLY A 97 19.21 -33.40 -9.54
CA GLY A 97 20.26 -33.12 -8.59
C GLY A 97 21.05 -31.87 -8.94
N GLY A 98 21.50 -31.16 -7.91
CA GLY A 98 22.33 -29.99 -8.13
C GLY A 98 21.63 -28.83 -8.80
N CYS A 99 20.31 -28.69 -8.60
CA CYS A 99 19.54 -27.55 -9.09
C CYS A 99 19.53 -26.47 -8.03
N LYS A 100 20.60 -25.67 -8.00
CA LYS A 100 20.80 -24.57 -7.06
C LYS A 100 19.74 -23.48 -7.16
N TRP A 101 18.98 -23.43 -8.25
CA TRP A 101 17.91 -22.45 -8.41
C TRP A 101 16.66 -22.80 -7.61
N ILE A 102 16.61 -23.98 -6.99
CA ILE A 102 15.44 -24.39 -6.22
C ILE A 102 15.52 -23.96 -4.76
N ARG A 103 16.66 -23.43 -4.31
CA ARG A 103 16.88 -23.11 -2.91
C ARG A 103 15.81 -22.17 -2.38
N THR A 104 15.80 -20.93 -2.87
CA THR A 104 14.79 -19.97 -2.41
C THR A 104 13.36 -20.43 -2.66
N PRO A 105 13.01 -21.01 -3.82
CA PRO A 105 11.63 -21.48 -3.99
C PRO A 105 11.24 -22.60 -3.02
N ALA A 106 12.19 -23.49 -2.68
CA ALA A 106 11.89 -24.56 -1.73
C ALA A 106 11.82 -24.04 -0.30
N ILE A 107 12.57 -22.99 0.02
CA ILE A 107 12.46 -22.36 1.33
C ILE A 107 11.06 -21.76 1.50
N ILE A 108 10.55 -21.12 0.46
CA ILE A 108 9.23 -20.49 0.54
C ILE A 108 8.15 -21.56 0.73
N TYR A 109 8.30 -22.69 0.04
CA TYR A 109 7.34 -23.79 0.21
C TYR A 109 7.42 -24.37 1.62
N SER A 110 8.63 -24.52 2.15
CA SER A 110 8.78 -25.15 3.46
C SER A 110 8.16 -24.32 4.56
N VAL A 111 8.46 -23.02 4.58
CA VAL A 111 7.90 -22.14 5.61
C VAL A 111 6.40 -21.99 5.42
N HIS A 112 5.92 -22.04 4.18
CA HIS A 112 4.49 -21.93 3.94
C HIS A 112 3.75 -23.17 4.43
N THR A 113 4.25 -24.35 4.09
CA THR A 113 3.55 -25.57 4.45
C THR A 113 3.66 -25.86 5.94
N MET A 114 4.78 -25.49 6.58
CA MET A 114 4.90 -25.65 8.02
C MET A 114 3.89 -24.76 8.75
N THR A 115 3.84 -23.48 8.38
CA THR A 115 2.87 -22.56 8.98
C THR A 115 1.44 -23.02 8.72
N THR A 116 1.21 -23.78 7.65
CA THR A 116 -0.13 -24.28 7.35
C THR A 116 -0.57 -25.35 8.35
N LEU A 117 0.37 -26.13 8.88
CA LEU A 117 0.04 -27.30 9.67
C LEU A 117 0.18 -27.10 11.17
N ILE A 118 0.91 -26.08 11.61
CA ILE A 118 0.95 -25.75 13.03
C ILE A 118 -0.46 -25.59 13.60
N PRO A 119 -1.38 -24.83 12.98
CA PRO A 119 -2.74 -24.78 13.51
C PRO A 119 -3.51 -26.08 13.34
N ILE A 120 -3.23 -26.86 12.29
CA ILE A 120 -3.94 -28.10 12.07
C ILE A 120 -3.58 -29.12 13.14
N LEU A 121 -2.29 -29.27 13.41
CA LEU A 121 -1.87 -30.17 14.49
C LEU A 121 -2.36 -29.67 15.84
N SER A 122 -2.35 -28.35 16.04
CA SER A 122 -2.83 -27.79 17.30
C SER A 122 -4.33 -28.02 17.47
N THR A 123 -5.09 -27.95 16.37
CA THR A 123 -6.52 -28.17 16.46
C THR A 123 -6.84 -29.63 16.71
N LEU A 124 -6.17 -30.54 16.00
CA LEU A 124 -6.47 -31.97 16.15
C LEU A 124 -6.16 -32.45 17.55
N LEU A 125 -5.12 -31.90 18.17
CA LEU A 125 -4.65 -32.40 19.46
C LEU A 125 -5.31 -31.70 20.65
N LEU A 126 -5.70 -30.44 20.51
CA LEU A 126 -6.13 -29.65 21.65
C LEU A 126 -7.54 -29.10 21.55
N ASP A 127 -8.15 -29.08 20.36
CA ASP A 127 -9.47 -28.48 20.24
C ASP A 127 -10.55 -29.45 20.70
N ASP A 128 -11.78 -28.94 20.74
CA ASP A 128 -12.94 -29.69 21.21
C ASP A 128 -13.77 -30.12 20.01
N PHE A 129 -14.00 -31.43 19.89
CA PHE A 129 -14.73 -32.02 18.78
C PHE A 129 -15.98 -32.73 19.25
N SER A 130 -16.67 -32.18 20.24
CA SER A 130 -17.88 -32.79 20.77
C SER A 130 -19.08 -32.40 19.90
N LYS A 131 -20.28 -32.81 20.35
CA LYS A 131 -21.50 -32.47 19.64
C LYS A 131 -21.96 -31.05 19.91
N ALA A 132 -21.44 -30.41 20.97
CA ALA A 132 -21.76 -29.02 21.24
C ALA A 132 -20.82 -28.05 20.54
N SER A 133 -19.69 -28.54 20.04
CA SER A 133 -18.77 -27.70 19.30
C SER A 133 -19.30 -27.46 17.89
N HIS A 134 -18.68 -26.50 17.19
CA HIS A 134 -19.09 -26.21 15.82
C HIS A 134 -18.82 -27.38 14.88
N PHE A 135 -18.03 -28.36 15.30
CA PHE A 135 -17.80 -29.55 14.49
C PHE A 135 -18.91 -30.58 14.65
N ARG A 136 -19.73 -30.47 15.69
CA ARG A 136 -20.92 -31.30 15.87
C ARG A 136 -20.58 -32.79 15.93
N GLY A 137 -19.62 -33.13 16.80
CA GLY A 137 -19.21 -34.51 17.00
C GLY A 137 -18.51 -35.16 15.83
N GLN A 138 -18.10 -34.40 14.82
CA GLN A 138 -17.48 -35.00 13.64
C GLN A 138 -16.05 -35.44 13.91
N GLY A 139 -15.35 -34.78 14.84
CA GLY A 139 -13.95 -35.02 15.05
C GLY A 139 -13.64 -36.16 16.00
N PRO A 140 -12.36 -36.32 16.34
CA PRO A 140 -11.97 -37.39 17.26
C PRO A 140 -12.13 -36.96 18.71
N LYS A 141 -12.57 -37.92 19.53
CA LYS A 141 -12.77 -37.72 20.96
C LYS A 141 -11.61 -38.27 21.79
N THR A 142 -11.23 -39.51 21.55
CA THR A 142 -10.14 -40.15 22.29
C THR A 142 -8.79 -39.60 21.86
N PHE A 143 -7.85 -39.59 22.80
CA PHE A 143 -6.48 -39.23 22.47
C PHE A 143 -5.88 -40.20 21.46
N GLN A 144 -6.34 -41.45 21.44
CA GLN A 144 -5.79 -42.44 20.53
C GLN A 144 -6.04 -42.08 19.07
N GLU A 145 -7.29 -41.70 18.73
CA GLU A 145 -7.58 -41.34 17.35
C GLU A 145 -7.07 -39.96 16.98
N ARG A 146 -6.77 -39.11 17.96
CA ARG A 146 -6.08 -37.87 17.65
C ARG A 146 -4.69 -38.15 17.11
N LEU A 147 -4.04 -39.18 17.64
CA LEU A 147 -2.76 -39.60 17.08
C LEU A 147 -2.95 -40.31 15.75
N PHE A 148 -4.04 -41.06 15.60
CA PHE A 148 -4.35 -41.69 14.33
C PHE A 148 -4.57 -40.65 13.23
N LEU A 149 -5.05 -39.47 13.61
CA LEU A 149 -5.26 -38.38 12.66
C LEU A 149 -4.04 -37.48 12.53
N ILE A 150 -3.27 -37.29 13.61
CA ILE A 150 -2.02 -36.54 13.51
C ILE A 150 -1.01 -37.30 12.67
N SER A 151 -1.07 -38.63 12.69
CA SER A 151 -0.09 -39.43 11.97
C SER A 151 -0.18 -39.21 10.46
N VAL A 152 -1.38 -38.91 9.93
CA VAL A 152 -1.52 -38.66 8.51
C VAL A 152 -1.25 -37.19 8.14
N TYR A 153 -1.12 -36.31 9.14
CA TYR A 153 -0.84 -34.91 8.90
C TYR A 153 0.60 -34.51 9.23
N ILE A 154 1.26 -35.23 10.13
CA ILE A 154 2.59 -34.88 10.63
C ILE A 154 3.70 -35.07 9.59
N PRO A 155 3.62 -35.99 8.61
CA PRO A 155 4.70 -36.02 7.61
C PRO A 155 4.76 -34.77 6.76
N TYR A 156 3.66 -34.03 6.63
CA TYR A 156 3.67 -32.80 5.86
C TYR A 156 4.19 -31.62 6.66
N PHE A 157 4.59 -31.83 7.92
CA PHE A 157 5.33 -30.85 8.69
C PHE A 157 6.79 -31.20 8.86
N LEU A 158 7.11 -32.49 8.98
CA LEU A 158 8.49 -32.92 9.20
C LEU A 158 9.32 -32.92 7.94
N ILE A 159 8.73 -33.32 6.83
CA ILE A 159 9.44 -33.37 5.55
C ILE A 159 9.73 -31.94 5.09
N PRO A 160 8.77 -31.00 5.15
CA PRO A 160 9.13 -29.59 4.89
C PRO A 160 10.11 -29.02 5.90
N LEU A 161 10.10 -29.50 7.13
CA LEU A 161 11.10 -29.06 8.10
C LEU A 161 12.50 -29.52 7.69
N ILE A 162 12.61 -30.76 7.22
CA ILE A 162 13.90 -31.26 6.74
C ILE A 162 14.35 -30.47 5.52
N LEU A 163 13.40 -30.15 4.62
CA LEU A 163 13.73 -29.40 3.42
C LEU A 163 14.28 -28.02 3.77
N LEU A 164 13.68 -27.36 4.76
CA LEU A 164 14.13 -26.02 5.14
C LEU A 164 15.55 -26.07 5.69
N LEU A 165 15.84 -27.03 6.57
CA LEU A 165 17.19 -27.15 7.11
C LEU A 165 18.18 -27.56 6.02
N PHE A 166 17.73 -28.33 5.04
CA PHE A 166 18.61 -28.76 3.96
C PHE A 166 19.01 -27.60 3.07
N MET A 167 18.05 -26.76 2.69
CA MET A 167 18.35 -25.67 1.77
C MET A 167 19.13 -24.55 2.45
N VAL A 168 18.98 -24.39 3.76
CA VAL A 168 19.62 -23.28 4.44
C VAL A 168 21.12 -23.50 4.56
N ARG A 169 21.55 -24.75 4.76
CA ARG A 169 22.93 -25.03 5.09
C ARG A 169 23.71 -25.75 4.00
N ASN A 170 23.05 -26.37 3.05
CA ASN A 170 23.77 -27.15 2.04
C ASN A 170 24.48 -26.21 1.07
N PRO A 171 25.82 -26.25 0.98
CA PRO A 171 26.53 -25.33 0.08
C PRO A 171 26.33 -25.64 -1.39
N TYR A 172 25.82 -26.83 -1.73
CA TYR A 172 25.58 -27.20 -3.11
C TYR A 172 24.31 -26.57 -3.67
N TYR A 173 23.65 -25.69 -2.92
CA TYR A 173 22.51 -24.93 -3.40
C TYR A 173 22.67 -23.43 -3.20
N LYS A 174 23.80 -22.98 -2.67
CA LYS A 174 24.05 -21.55 -2.48
C LYS A 174 24.74 -20.98 -3.71
N THR B 9 20.35 12.66 -1.54
CA THR B 9 19.56 12.32 -0.37
C THR B 9 19.45 10.79 -0.22
N LEU B 10 18.39 10.33 0.43
CA LEU B 10 18.19 8.90 0.62
C LEU B 10 17.82 8.22 -0.69
N GLY B 11 18.17 6.95 -0.80
CA GLY B 11 17.88 6.16 -1.98
C GLY B 11 16.57 5.39 -1.85
N ALA B 12 16.22 4.71 -2.94
CA ALA B 12 15.01 3.89 -2.93
C ALA B 12 15.19 2.65 -2.07
N ARG B 13 16.34 1.97 -2.21
CA ARG B 13 16.58 0.79 -1.39
C ARG B 13 16.76 1.16 0.08
N ARG B 14 17.50 2.24 0.36
CA ARG B 14 17.69 2.65 1.74
C ARG B 14 16.40 3.16 2.37
N GLY B 15 15.54 3.82 1.59
CA GLY B 15 14.27 4.29 2.12
C GLY B 15 13.37 3.15 2.58
N LEU B 16 13.30 2.08 1.78
CA LEU B 16 12.51 0.93 2.19
C LEU B 16 13.10 0.26 3.42
N GLU B 17 14.42 0.31 3.59
CA GLU B 17 15.04 -0.27 4.78
C GLU B 17 14.66 0.51 6.04
N TRP B 18 14.62 1.84 5.95
CA TRP B 18 14.14 2.62 7.08
C TRP B 18 12.68 2.32 7.38
N PHE B 19 11.86 2.20 6.33
CA PHE B 19 10.45 1.87 6.53
C PHE B 19 10.29 0.48 7.14
N LEU B 20 11.12 -0.48 6.73
CA LEU B 20 11.07 -1.81 7.30
C LEU B 20 11.62 -1.82 8.73
N GLY B 21 12.58 -0.94 9.03
CA GLY B 21 13.11 -0.88 10.38
C GLY B 21 12.06 -0.42 11.39
N PHE B 22 11.26 0.58 11.02
CA PHE B 22 10.20 1.04 11.91
C PHE B 22 9.06 0.03 11.99
N TYR B 23 8.88 -0.77 10.95
CA TYR B 23 7.88 -1.84 11.01
C TYR B 23 8.25 -2.87 12.07
N PHE B 24 9.51 -3.31 12.06
CA PHE B 24 9.95 -4.29 13.05
C PHE B 24 10.09 -3.67 14.43
N LEU B 25 10.43 -2.38 14.50
CA LEU B 25 10.53 -1.73 15.80
C LEU B 25 9.16 -1.54 16.43
N SER B 26 8.18 -1.07 15.66
CA SER B 26 6.84 -0.85 16.19
C SER B 26 6.09 -2.16 16.42
N HIS B 27 6.52 -3.26 15.79
CA HIS B 27 5.84 -4.52 15.99
C HIS B 27 6.11 -5.09 17.39
N ILE B 28 7.18 -4.66 18.04
CA ILE B 28 7.53 -5.15 19.37
C ILE B 28 6.49 -4.70 20.39
N PRO B 29 6.14 -3.41 20.50
CA PRO B 29 5.08 -3.04 21.44
C PRO B 29 3.71 -3.55 21.03
N ILE B 30 3.46 -3.71 19.73
CA ILE B 30 2.17 -4.20 19.28
C ILE B 30 1.99 -5.66 19.63
N THR B 31 3.05 -6.46 19.50
CA THR B 31 2.96 -7.86 19.90
C THR B 31 2.82 -7.99 21.41
N LEU B 32 3.69 -7.32 22.16
CA LEU B 32 3.74 -7.52 23.60
C LEU B 32 2.50 -6.97 24.30
N LEU B 33 2.16 -5.71 24.03
CA LEU B 33 1.11 -5.04 24.78
C LEU B 33 -0.29 -5.29 24.23
N MET B 34 -0.43 -6.11 23.19
CA MET B 34 -1.74 -6.25 22.57
C MET B 34 -2.03 -7.69 22.16
N ASP B 35 -1.24 -8.23 21.23
CA ASP B 35 -1.56 -9.52 20.63
C ASP B 35 -1.36 -10.66 21.62
N LEU B 36 -0.36 -10.55 22.49
CA LEU B 36 -0.05 -11.64 23.42
C LEU B 36 -0.96 -11.69 24.63
N GLN B 37 -1.92 -10.77 24.75
CA GLN B 37 -2.90 -10.83 25.82
C GLN B 37 -3.89 -11.98 25.64
N GLY B 38 -3.94 -12.60 24.47
CA GLY B 38 -4.79 -13.75 24.24
C GLY B 38 -4.15 -15.08 24.55
N VAL B 39 -2.83 -15.10 24.77
CA VAL B 39 -2.14 -16.33 25.16
C VAL B 39 -1.45 -16.21 26.52
N LEU B 40 -1.10 -15.01 26.97
CA LEU B 40 -0.41 -14.85 28.23
C LEU B 40 -1.39 -14.47 29.34
N PRO B 41 -1.08 -14.84 30.59
CA PRO B 41 -1.99 -14.52 31.70
C PRO B 41 -2.27 -13.04 31.81
N ARG B 42 -3.49 -12.73 32.27
CA ARG B 42 -3.89 -11.34 32.47
C ARG B 42 -3.05 -10.66 33.55
N ASP B 43 -2.60 -11.42 34.54
CA ASP B 43 -1.85 -10.85 35.65
C ASP B 43 -0.50 -10.29 35.23
N LEU B 44 -0.03 -10.63 34.03
CA LEU B 44 1.19 -10.03 33.50
C LEU B 44 0.94 -8.65 32.92
N TYR B 45 -0.31 -8.22 32.82
CA TYR B 45 -0.66 -6.95 32.21
C TYR B 45 -1.34 -6.04 33.23
N PRO B 46 -1.03 -4.75 33.22
CA PRO B 46 -1.72 -3.82 34.13
C PRO B 46 -3.16 -3.58 33.68
N VAL B 47 -3.94 -3.02 34.61
CA VAL B 47 -5.35 -2.76 34.32
C VAL B 47 -5.51 -1.75 33.20
N GLU B 48 -4.59 -0.80 33.11
CA GLU B 48 -4.66 0.22 32.06
C GLU B 48 -4.49 -0.37 30.67
N LEU B 49 -3.63 -1.38 30.53
CA LEU B 49 -3.44 -2.06 29.26
C LEU B 49 -4.45 -3.15 28.98
N ARG B 50 -5.09 -3.71 30.01
CA ARG B 50 -6.11 -4.70 29.77
C ARG B 50 -7.39 -4.08 29.25
N ASN B 51 -7.70 -2.86 29.69
CA ASN B 51 -8.86 -2.15 29.16
C ASN B 51 -8.59 -1.58 27.77
N LEU B 52 -7.34 -1.28 27.45
CA LEU B 52 -7.02 -0.79 26.12
C LEU B 52 -7.28 -1.85 25.06
N GLN B 53 -6.98 -3.11 25.37
CA GLN B 53 -7.30 -4.18 24.44
C GLN B 53 -8.80 -4.31 24.24
N GLN B 54 -9.57 -4.11 25.30
CA GLN B 54 -11.03 -4.18 25.19
C GLN B 54 -11.59 -3.01 24.38
N TRP B 55 -10.94 -1.84 24.44
CA TRP B 55 -11.32 -0.74 23.57
C TRP B 55 -11.20 -1.13 22.10
N TYR B 56 -10.20 -1.94 21.78
CA TYR B 56 -10.03 -2.40 20.41
C TYR B 56 -11.07 -3.45 20.05
N ILE B 57 -11.24 -4.47 20.90
CA ILE B 57 -12.14 -5.57 20.59
C ILE B 57 -13.58 -5.09 20.51
N GLU B 58 -13.96 -4.08 21.29
CA GLU B 58 -15.32 -3.58 21.25
C GLU B 58 -15.56 -2.67 20.06
N GLU B 59 -14.61 -1.80 19.77
CA GLU B 59 -14.75 -0.85 18.66
C GLU B 59 -14.59 -1.54 17.30
N PHE B 60 -13.53 -2.34 17.14
CA PHE B 60 -13.25 -3.00 15.87
C PHE B 60 -13.96 -4.34 15.74
N LYS B 61 -14.55 -4.85 16.83
CA LYS B 61 -15.31 -6.11 16.81
C LYS B 61 -14.44 -7.26 16.33
N ASP B 62 -13.35 -7.49 17.06
CA ASP B 62 -12.39 -8.53 16.71
C ASP B 62 -12.74 -9.82 17.43
N PRO B 63 -13.21 -10.86 16.73
CA PRO B 63 -13.58 -12.09 17.42
C PRO B 63 -12.41 -13.03 17.72
N LEU B 64 -11.22 -12.72 17.20
CA LEU B 64 -10.05 -13.59 17.31
C LEU B 64 -9.18 -13.24 18.53
N LEU B 65 -8.68 -12.00 18.60
CA LEU B 65 -7.90 -11.63 19.77
C LEU B 65 -8.71 -11.64 21.05
N GLN B 66 -10.04 -11.52 20.94
CA GLN B 66 -10.91 -11.58 22.10
C GLN B 66 -10.80 -12.94 22.76
N THR B 67 -11.28 -13.97 22.08
CA THR B 67 -11.21 -15.35 22.55
C THR B 67 -10.61 -16.19 21.42
N PRO B 68 -9.31 -16.47 21.47
CA PRO B 68 -8.64 -17.10 20.32
C PRO B 68 -9.02 -18.57 20.17
N PRO B 69 -9.48 -18.97 18.98
CA PRO B 69 -9.63 -20.40 18.70
C PRO B 69 -8.27 -21.07 18.62
N ALA B 70 -8.30 -22.40 18.45
CA ALA B 70 -7.06 -23.17 18.48
C ALA B 70 -6.14 -22.83 17.32
N TRP B 71 -6.69 -22.59 16.13
CA TRP B 71 -5.84 -22.27 15.00
C TRP B 71 -5.22 -20.88 15.15
N PHE B 72 -6.00 -19.92 15.62
CA PHE B 72 -5.49 -18.57 15.83
C PHE B 72 -4.52 -18.52 17.02
N LYS B 73 -4.80 -19.31 18.07
CA LYS B 73 -3.93 -19.29 19.25
C LYS B 73 -2.56 -19.89 18.94
N SER B 74 -2.48 -20.80 17.96
CA SER B 74 -1.19 -21.37 17.58
C SER B 74 -0.34 -20.33 16.85
N PHE B 75 -0.96 -19.46 16.05
CA PHE B 75 -0.20 -18.40 15.41
C PHE B 75 0.33 -17.40 16.44
N LEU B 76 -0.40 -17.19 17.53
CA LEU B 76 0.07 -16.26 18.56
C LEU B 76 1.27 -16.80 19.30
N PHE B 77 1.33 -18.13 19.51
CA PHE B 77 2.53 -18.73 20.10
C PHE B 77 3.71 -18.66 19.15
N CYS B 78 3.46 -18.70 17.83
CA CYS B 78 4.54 -18.48 16.88
C CYS B 78 5.05 -17.04 16.97
N GLU B 79 4.13 -16.09 17.16
CA GLU B 79 4.54 -14.69 17.28
C GLU B 79 5.40 -14.46 18.51
N LEU B 80 5.16 -15.21 19.58
CA LEU B 80 5.92 -15.04 20.81
C LEU B 80 7.29 -15.73 20.72
N VAL B 81 7.32 -16.94 20.19
CA VAL B 81 8.56 -17.72 20.24
C VAL B 81 9.47 -17.44 19.06
N PHE B 82 8.91 -17.19 17.88
CA PHE B 82 9.71 -17.02 16.66
C PHE B 82 9.75 -15.59 16.16
N GLN B 83 8.60 -14.92 16.04
CA GLN B 83 8.59 -13.58 15.45
C GLN B 83 9.17 -12.57 16.42
N LEU B 84 8.77 -12.62 17.68
CA LEU B 84 9.21 -11.61 18.65
C LEU B 84 10.73 -11.55 18.82
N PRO B 85 11.47 -12.66 18.89
CA PRO B 85 12.94 -12.54 18.93
C PRO B 85 13.53 -11.94 17.67
N PHE B 86 12.90 -12.19 16.51
CA PHE B 86 13.43 -11.71 15.25
C PHE B 86 13.21 -10.21 15.05
N PHE B 87 12.23 -9.62 15.75
CA PHE B 87 11.93 -8.20 15.50
C PHE B 87 13.10 -7.28 15.82
N PRO B 88 13.76 -7.35 16.99
CA PRO B 88 14.89 -6.45 17.22
C PRO B 88 16.05 -6.70 16.28
N ILE B 89 16.29 -7.95 15.91
CA ILE B 89 17.41 -8.26 15.02
C ILE B 89 17.17 -7.69 13.64
N ALA B 90 15.94 -7.83 13.13
CA ALA B 90 15.61 -7.28 11.81
C ALA B 90 15.65 -5.76 11.82
N ALA B 91 15.19 -5.14 12.91
CA ALA B 91 15.22 -3.68 13.00
C ALA B 91 16.66 -3.18 12.94
N TYR B 92 17.57 -3.79 13.69
CA TYR B 92 18.96 -3.36 13.67
C TYR B 92 19.58 -3.54 12.30
N ALA B 93 19.19 -4.61 11.59
CA ALA B 93 19.82 -4.92 10.32
C ALA B 93 19.46 -3.89 9.24
N PHE B 94 18.18 -3.58 9.09
CA PHE B 94 17.75 -2.64 8.06
C PHE B 94 18.02 -1.19 8.44
N PHE B 95 18.23 -0.89 9.72
CA PHE B 95 18.65 0.45 10.10
C PHE B 95 20.13 0.68 9.81
N LYS B 96 20.95 -0.35 9.99
CA LYS B 96 22.38 -0.22 9.75
C LYS B 96 22.71 -0.34 8.26
N GLY B 97 22.16 -1.34 7.60
CA GLY B 97 22.45 -1.54 6.19
C GLY B 97 23.62 -2.47 5.97
N GLY B 98 23.60 -3.16 4.83
CA GLY B 98 24.66 -4.06 4.46
C GLY B 98 24.64 -5.41 5.17
N CYS B 99 23.61 -5.68 5.97
CA CYS B 99 23.51 -6.93 6.71
C CYS B 99 22.86 -7.99 5.82
N LYS B 100 23.68 -8.61 4.98
CA LYS B 100 23.15 -9.59 4.04
C LYS B 100 22.63 -10.84 4.73
N TRP B 101 22.98 -11.03 6.01
CA TRP B 101 22.77 -12.31 6.69
C TRP B 101 21.31 -12.44 7.08
N ILE B 102 20.57 -11.39 6.75
CA ILE B 102 19.15 -11.34 7.06
C ILE B 102 18.27 -11.82 5.89
N ARG B 103 18.85 -12.10 4.73
CA ARG B 103 18.03 -12.44 3.57
C ARG B 103 17.17 -13.67 3.85
N THR B 104 17.80 -14.80 4.17
CA THR B 104 17.02 -16.00 4.48
C THR B 104 16.12 -15.84 5.70
N PRO B 105 16.56 -15.23 6.81
CA PRO B 105 15.62 -14.99 7.92
C PRO B 105 14.43 -14.13 7.54
N ALA B 106 14.64 -13.08 6.74
CA ALA B 106 13.52 -12.21 6.38
C ALA B 106 12.56 -12.91 5.42
N ILE B 107 13.07 -13.78 4.56
CA ILE B 107 12.18 -14.57 3.70
C ILE B 107 11.33 -15.50 4.56
N ILE B 108 11.94 -16.15 5.54
CA ILE B 108 11.20 -17.06 6.42
C ILE B 108 10.13 -16.31 7.19
N TYR B 109 10.46 -15.12 7.72
CA TYR B 109 9.46 -14.33 8.43
C TYR B 109 8.32 -13.92 7.52
N SER B 110 8.64 -13.46 6.31
CA SER B 110 7.61 -12.97 5.41
C SER B 110 6.64 -14.07 5.01
N VAL B 111 7.18 -15.21 4.56
CA VAL B 111 6.33 -16.31 4.12
C VAL B 111 5.47 -16.82 5.26
N HIS B 112 6.04 -16.90 6.47
CA HIS B 112 5.30 -17.37 7.63
C HIS B 112 4.16 -16.42 7.98
N THR B 113 4.48 -15.14 8.16
CA THR B 113 3.47 -14.16 8.53
C THR B 113 2.35 -14.11 7.48
N MET B 114 2.70 -13.99 6.20
CA MET B 114 1.69 -13.97 5.15
C MET B 114 0.78 -15.19 5.24
N THR B 115 1.36 -16.36 5.53
CA THR B 115 0.55 -17.57 5.64
C THR B 115 -0.31 -17.58 6.91
N THR B 116 0.05 -16.78 7.92
CA THR B 116 -0.81 -16.71 9.11
C THR B 116 -2.02 -15.82 8.88
N LEU B 117 -1.95 -14.88 7.94
CA LEU B 117 -3.01 -13.90 7.77
C LEU B 117 -3.96 -14.22 6.62
N ILE B 118 -3.56 -15.10 5.69
CA ILE B 118 -4.50 -15.59 4.69
C ILE B 118 -5.72 -16.24 5.34
N PRO B 119 -5.58 -17.12 6.35
CA PRO B 119 -6.78 -17.63 7.02
C PRO B 119 -7.46 -16.60 7.89
N ILE B 120 -6.73 -15.58 8.35
CA ILE B 120 -7.33 -14.54 9.18
C ILE B 120 -8.22 -13.63 8.34
N LEU B 121 -7.66 -13.10 7.25
CA LEU B 121 -8.43 -12.22 6.38
C LEU B 121 -9.57 -12.96 5.70
N SER B 122 -9.42 -14.26 5.45
CA SER B 122 -10.51 -15.03 4.88
C SER B 122 -11.64 -15.20 5.88
N THR B 123 -11.31 -15.44 7.14
CA THR B 123 -12.33 -15.62 8.17
C THR B 123 -13.09 -14.31 8.41
N LEU B 124 -12.37 -13.20 8.57
CA LEU B 124 -13.02 -11.93 8.88
C LEU B 124 -13.93 -11.44 7.76
N LEU B 125 -13.67 -11.84 6.52
CA LEU B 125 -14.46 -11.37 5.38
C LEU B 125 -15.57 -12.34 4.97
N LEU B 126 -15.40 -13.64 5.20
CA LEU B 126 -16.36 -14.62 4.70
C LEU B 126 -17.09 -15.41 5.78
N ASP B 127 -16.51 -15.55 6.98
CA ASP B 127 -17.15 -16.37 8.00
C ASP B 127 -18.30 -15.61 8.66
N ASP B 128 -19.13 -16.35 9.38
CA ASP B 128 -20.32 -15.81 10.03
C ASP B 128 -20.04 -15.60 11.51
N PHE B 129 -20.42 -14.42 12.02
CA PHE B 129 -20.18 -14.06 13.41
C PHE B 129 -21.48 -13.74 14.14
N SER B 130 -22.58 -14.35 13.72
CA SER B 130 -23.87 -14.12 14.35
C SER B 130 -24.02 -15.00 15.58
N LYS B 131 -25.21 -14.94 16.21
CA LYS B 131 -25.47 -15.77 17.38
C LYS B 131 -25.61 -17.25 17.04
N ALA B 132 -25.92 -17.58 15.79
CA ALA B 132 -25.99 -18.98 15.37
C ALA B 132 -24.62 -19.61 15.22
N SER B 133 -23.56 -18.82 15.08
CA SER B 133 -22.23 -19.34 14.92
C SER B 133 -21.59 -19.58 16.30
N HIS B 134 -20.36 -20.12 16.29
CA HIS B 134 -19.63 -20.36 17.52
C HIS B 134 -19.11 -19.09 18.15
N PHE B 135 -18.94 -18.01 17.36
CA PHE B 135 -18.51 -16.73 17.92
C PHE B 135 -19.57 -16.10 18.81
N ARG B 136 -20.83 -16.46 18.61
CA ARG B 136 -21.94 -16.07 19.48
C ARG B 136 -22.08 -14.54 19.57
N GLY B 137 -22.34 -13.93 18.41
CA GLY B 137 -22.61 -12.52 18.31
C GLY B 137 -21.43 -11.60 18.50
N GLN B 138 -20.21 -12.14 18.61
CA GLN B 138 -19.00 -11.34 18.79
C GLN B 138 -18.23 -11.34 17.47
N GLY B 139 -18.26 -10.22 16.76
CA GLY B 139 -17.58 -10.11 15.49
C GLY B 139 -18.24 -9.11 14.56
N PRO B 140 -17.61 -8.83 13.42
CA PRO B 140 -18.19 -7.85 12.48
C PRO B 140 -19.44 -8.41 11.83
N LYS B 141 -20.49 -7.59 11.77
CA LYS B 141 -21.77 -8.01 11.21
C LYS B 141 -22.00 -7.48 9.81
N THR B 142 -21.49 -6.30 9.50
CA THR B 142 -21.72 -5.65 8.20
C THR B 142 -20.44 -5.64 7.40
N PHE B 143 -20.59 -5.44 6.08
CA PHE B 143 -19.44 -5.41 5.18
C PHE B 143 -18.50 -4.28 5.55
N GLN B 144 -19.04 -3.13 5.96
CA GLN B 144 -18.20 -2.02 6.40
C GLN B 144 -17.47 -2.36 7.70
N GLU B 145 -18.10 -3.13 8.58
CA GLU B 145 -17.44 -3.52 9.82
C GLU B 145 -16.39 -4.61 9.60
N ARG B 146 -16.47 -5.33 8.47
CA ARG B 146 -15.45 -6.32 8.15
C ARG B 146 -14.20 -5.67 7.57
N LEU B 147 -14.37 -4.68 6.69
CA LEU B 147 -13.22 -3.97 6.15
C LEU B 147 -12.55 -3.09 7.21
N PHE B 148 -13.35 -2.54 8.13
CA PHE B 148 -12.78 -1.75 9.22
C PHE B 148 -11.86 -2.59 10.09
N LEU B 149 -12.13 -3.90 10.19
CA LEU B 149 -11.26 -4.81 10.93
C LEU B 149 -10.13 -5.35 10.06
N ILE B 150 -10.43 -5.64 8.78
CA ILE B 150 -9.40 -6.06 7.85
C ILE B 150 -8.34 -4.98 7.69
N SER B 151 -8.73 -3.72 7.85
CA SER B 151 -7.77 -2.62 7.69
C SER B 151 -6.64 -2.69 8.71
N VAL B 152 -6.89 -3.26 9.89
CA VAL B 152 -5.84 -3.35 10.91
C VAL B 152 -4.92 -4.53 10.64
N TYR B 153 -5.44 -5.59 10.02
CA TYR B 153 -4.65 -6.78 9.72
C TYR B 153 -3.93 -6.71 8.39
N ILE B 154 -4.41 -5.91 7.45
CA ILE B 154 -3.85 -5.89 6.10
C ILE B 154 -2.42 -5.33 6.07
N PRO B 155 -2.00 -4.40 6.94
CA PRO B 155 -0.58 -3.99 6.90
C PRO B 155 0.38 -5.11 7.22
N TYR B 156 -0.04 -6.11 7.99
CA TYR B 156 0.83 -7.23 8.36
C TYR B 156 0.88 -8.31 7.30
N PHE B 157 0.12 -8.17 6.22
CA PHE B 157 0.27 -9.04 5.06
C PHE B 157 0.95 -8.35 3.89
N LEU B 158 0.66 -7.07 3.68
CA LEU B 158 1.24 -6.36 2.56
C LEU B 158 2.72 -6.06 2.80
N ILE B 159 3.05 -5.53 3.98
CA ILE B 159 4.45 -5.19 4.26
C ILE B 159 5.36 -6.40 4.17
N PRO B 160 5.04 -7.57 4.73
CA PRO B 160 5.90 -8.74 4.53
C PRO B 160 6.03 -9.17 3.07
N LEU B 161 4.96 -9.02 2.28
CA LEU B 161 5.08 -9.32 0.85
C LEU B 161 6.08 -8.39 0.18
N ILE B 162 6.10 -7.11 0.58
CA ILE B 162 7.11 -6.18 0.08
C ILE B 162 8.51 -6.65 0.46
N LEU B 163 8.66 -7.17 1.69
CA LEU B 163 9.96 -7.65 2.13
C LEU B 163 10.38 -8.91 1.36
N LEU B 164 9.42 -9.78 1.03
CA LEU B 164 9.75 -10.98 0.29
C LEU B 164 10.26 -10.64 -1.11
N LEU B 165 9.55 -9.77 -1.82
CA LEU B 165 10.00 -9.35 -3.14
C LEU B 165 11.34 -8.63 -3.07
N PHE B 166 11.52 -7.80 -2.05
CA PHE B 166 12.77 -7.06 -1.90
C PHE B 166 13.95 -8.02 -1.71
N MET B 167 13.80 -8.99 -0.81
CA MET B 167 14.92 -9.88 -0.50
C MET B 167 15.26 -10.80 -1.67
N VAL B 168 14.25 -11.28 -2.39
CA VAL B 168 14.50 -12.25 -3.45
C VAL B 168 15.27 -11.62 -4.62
N ARG B 169 15.05 -10.34 -4.88
CA ARG B 169 15.60 -9.72 -6.09
C ARG B 169 16.75 -8.75 -5.83
N ASN B 170 16.94 -8.30 -4.59
CA ASN B 170 17.98 -7.30 -4.32
C ASN B 170 19.36 -7.92 -4.48
N PRO B 171 20.19 -7.43 -5.42
CA PRO B 171 21.53 -8.01 -5.56
C PRO B 171 22.42 -7.76 -4.36
N TYR B 172 22.15 -6.74 -3.56
CA TYR B 172 22.95 -6.42 -2.40
C TYR B 172 22.63 -7.28 -1.19
N TYR B 173 21.79 -8.30 -1.34
CA TYR B 173 21.46 -9.22 -0.27
C TYR B 173 21.64 -10.67 -0.71
N GLY C 11 -27.92 4.94 -19.69
CA GLY C 11 -28.06 6.33 -19.31
C GLY C 11 -26.78 7.13 -19.42
N ALA C 12 -26.92 8.44 -19.67
CA ALA C 12 -25.73 9.28 -19.76
C ALA C 12 -25.08 9.47 -18.41
N ARG C 13 -25.87 9.82 -17.39
CA ARG C 13 -25.33 10.04 -16.06
C ARG C 13 -24.80 8.75 -15.45
N ARG C 14 -25.53 7.65 -15.63
CA ARG C 14 -25.05 6.37 -15.13
C ARG C 14 -23.87 5.85 -15.94
N GLY C 15 -23.84 6.15 -17.24
CA GLY C 15 -22.73 5.71 -18.06
C GLY C 15 -21.41 6.32 -17.64
N LEU C 16 -21.44 7.58 -17.20
CA LEU C 16 -20.22 8.23 -16.74
C LEU C 16 -19.74 7.63 -15.43
N GLU C 17 -20.68 7.26 -14.54
CA GLU C 17 -20.30 6.62 -13.28
C GLU C 17 -19.65 5.27 -13.53
N TRP C 18 -20.16 4.50 -14.50
CA TRP C 18 -19.50 3.25 -14.87
C TRP C 18 -18.12 3.51 -15.46
N PHE C 19 -18.00 4.53 -16.31
CA PHE C 19 -16.70 4.89 -16.87
C PHE C 19 -15.73 5.29 -15.76
N LEU C 20 -16.18 6.14 -14.84
CA LEU C 20 -15.33 6.54 -13.73
C LEU C 20 -14.96 5.35 -12.85
N GLY C 21 -15.80 4.30 -12.83
CA GLY C 21 -15.49 3.12 -12.05
C GLY C 21 -14.29 2.36 -12.60
N PHE C 22 -14.23 2.21 -13.93
CA PHE C 22 -13.09 1.55 -14.54
C PHE C 22 -11.87 2.45 -14.61
N TYR C 23 -12.06 3.77 -14.52
CA TYR C 23 -10.91 4.67 -14.45
C TYR C 23 -10.14 4.47 -13.14
N PHE C 24 -10.86 4.49 -12.02
CA PHE C 24 -10.20 4.29 -10.72
C PHE C 24 -9.73 2.85 -10.54
N LEU C 25 -10.47 1.88 -11.09
CA LEU C 25 -10.05 0.49 -10.97
C LEU C 25 -8.79 0.21 -11.78
N SER C 26 -8.73 0.71 -13.02
CA SER C 26 -7.53 0.54 -13.83
C SER C 26 -6.38 1.42 -13.36
N HIS C 27 -6.67 2.48 -12.60
CA HIS C 27 -5.61 3.34 -12.10
C HIS C 27 -4.73 2.62 -11.07
N ILE C 28 -5.25 1.58 -10.44
CA ILE C 28 -4.52 0.85 -9.41
C ILE C 28 -3.34 0.09 -10.03
N PRO C 29 -3.55 -0.76 -11.04
CA PRO C 29 -2.39 -1.45 -11.64
C PRO C 29 -1.47 -0.49 -12.38
N ILE C 30 -1.99 0.58 -12.97
CA ILE C 30 -1.14 1.54 -13.65
C ILE C 30 -0.22 2.23 -12.66
N THR C 31 -0.76 2.63 -11.50
CA THR C 31 0.06 3.29 -10.49
C THR C 31 1.09 2.34 -9.91
N LEU C 32 0.68 1.13 -9.53
CA LEU C 32 1.60 0.26 -8.81
C LEU C 32 2.62 -0.36 -9.75
N LEU C 33 2.19 -0.79 -10.93
CA LEU C 33 3.05 -1.57 -11.82
C LEU C 33 3.82 -0.71 -12.82
N MET C 34 3.66 0.61 -12.79
CA MET C 34 4.31 1.43 -13.81
C MET C 34 4.74 2.78 -13.27
N ASP C 35 3.81 3.53 -12.67
CA ASP C 35 4.11 4.89 -12.25
C ASP C 35 5.09 4.92 -11.08
N LEU C 36 4.85 4.08 -10.08
CA LEU C 36 5.67 4.09 -8.88
C LEU C 36 7.03 3.42 -9.06
N GLN C 37 7.40 3.05 -10.30
CA GLN C 37 8.74 2.52 -10.56
C GLN C 37 9.82 3.60 -10.52
N GLY C 38 9.46 4.85 -10.22
CA GLY C 38 10.45 5.91 -10.13
C GLY C 38 10.74 6.32 -8.71
N VAL C 39 9.92 5.87 -7.78
CA VAL C 39 10.11 6.17 -6.36
C VAL C 39 10.29 4.93 -5.50
N LEU C 40 9.82 3.76 -5.94
CA LEU C 40 9.98 2.52 -5.21
C LEU C 40 11.14 1.72 -5.77
N PRO C 41 11.83 0.95 -4.93
CA PRO C 41 13.03 0.23 -5.39
C PRO C 41 12.68 -0.78 -6.48
N ARG C 42 13.63 -0.93 -7.42
CA ARG C 42 13.40 -1.79 -8.58
C ARG C 42 13.28 -3.25 -8.19
N ASP C 43 13.93 -3.65 -7.09
CA ASP C 43 13.93 -5.04 -6.67
C ASP C 43 12.53 -5.54 -6.29
N LEU C 44 11.60 -4.62 -6.00
CA LEU C 44 10.23 -5.03 -5.76
C LEU C 44 9.52 -5.47 -7.03
N TYR C 45 10.01 -5.04 -8.20
CA TYR C 45 9.43 -5.31 -9.51
C TYR C 45 10.18 -6.44 -10.20
N PRO C 46 9.48 -7.34 -10.88
CA PRO C 46 10.15 -8.37 -11.68
C PRO C 46 10.83 -7.73 -12.89
N VAL C 47 11.74 -8.51 -13.49
CA VAL C 47 12.51 -7.98 -14.62
C VAL C 47 11.61 -7.64 -15.79
N GLU C 48 10.54 -8.42 -15.98
CA GLU C 48 9.64 -8.19 -17.10
C GLU C 48 8.92 -6.86 -16.99
N LEU C 49 8.50 -6.47 -15.78
CA LEU C 49 7.82 -5.20 -15.62
C LEU C 49 8.76 -4.03 -15.80
N ARG C 50 10.04 -4.19 -15.45
CA ARG C 50 10.99 -3.10 -15.63
C ARG C 50 11.37 -2.94 -17.09
N ASN C 51 11.43 -4.04 -17.84
CA ASN C 51 11.68 -3.94 -19.27
C ASN C 51 10.51 -3.31 -20.00
N LEU C 52 9.29 -3.52 -19.51
CA LEU C 52 8.12 -2.88 -20.13
C LEU C 52 8.16 -1.37 -19.95
N GLN C 53 8.69 -0.89 -18.83
CA GLN C 53 8.79 0.56 -18.63
C GLN C 53 9.93 1.13 -19.48
N GLN C 54 11.02 0.37 -19.62
CA GLN C 54 12.09 0.79 -20.50
C GLN C 54 11.62 0.86 -21.95
N TRP C 55 10.72 -0.04 -22.35
CA TRP C 55 10.10 0.08 -23.67
C TRP C 55 9.37 1.40 -23.81
N TYR C 56 8.60 1.78 -22.78
CA TYR C 56 7.85 3.04 -22.84
C TYR C 56 8.78 4.24 -22.82
N ILE C 57 9.87 4.17 -22.05
CA ILE C 57 10.78 5.30 -21.94
C ILE C 57 11.54 5.52 -23.26
N GLU C 58 11.94 4.43 -23.92
CA GLU C 58 12.70 4.56 -25.16
C GLU C 58 11.80 4.85 -26.35
N GLU C 59 10.64 4.20 -26.43
CA GLU C 59 9.81 4.37 -27.63
C GLU C 59 9.07 5.70 -27.61
N PHE C 60 8.68 6.16 -26.42
CA PHE C 60 7.89 7.38 -26.28
C PHE C 60 8.72 8.59 -25.86
N LYS C 61 9.98 8.39 -25.49
CA LYS C 61 10.88 9.47 -25.06
C LYS C 61 10.29 10.22 -23.87
N ASP C 62 10.04 9.48 -22.80
CA ASP C 62 9.52 10.04 -21.57
C ASP C 62 10.68 10.51 -20.70
N PRO C 63 10.80 11.82 -20.43
CA PRO C 63 11.91 12.31 -19.62
C PRO C 63 11.62 12.42 -18.14
N LEU C 64 10.43 12.06 -17.68
CA LEU C 64 10.02 12.24 -16.29
C LEU C 64 9.90 10.95 -15.49
N LEU C 65 9.71 9.80 -16.14
CA LEU C 65 9.39 8.55 -15.47
C LEU C 65 10.61 7.80 -14.93
N GLN C 66 11.68 7.67 -15.72
CA GLN C 66 12.83 6.90 -15.26
C GLN C 66 13.59 7.64 -14.18
N THR C 67 14.06 8.86 -14.49
CA THR C 67 14.76 9.72 -13.54
C THR C 67 13.84 10.88 -13.20
N PRO C 68 12.97 10.74 -12.22
CA PRO C 68 11.99 11.79 -11.93
C PRO C 68 12.64 12.96 -11.21
N PRO C 69 12.40 14.18 -11.69
CA PRO C 69 12.86 15.36 -10.94
C PRO C 69 12.17 15.45 -9.58
N ALA C 70 12.68 16.36 -8.75
CA ALA C 70 12.14 16.50 -7.40
C ALA C 70 10.64 16.77 -7.42
N TRP C 71 10.19 17.63 -8.34
CA TRP C 71 8.77 17.96 -8.39
C TRP C 71 7.95 16.78 -8.88
N PHE C 72 8.48 15.98 -9.79
CA PHE C 72 7.75 14.81 -10.27
C PHE C 72 7.73 13.70 -9.22
N LYS C 73 8.82 13.55 -8.46
CA LYS C 73 8.83 12.56 -7.38
C LYS C 73 7.77 12.88 -6.33
N SER C 74 7.63 14.16 -5.96
CA SER C 74 6.67 14.54 -4.93
C SER C 74 5.24 14.16 -5.35
N PHE C 75 4.93 14.28 -6.64
CA PHE C 75 3.61 13.88 -7.10
C PHE C 75 3.45 12.36 -7.07
N LEU C 76 4.50 11.61 -7.37
CA LEU C 76 4.41 10.16 -7.31
C LEU C 76 4.21 9.69 -5.87
N PHE C 77 4.74 10.42 -4.89
CA PHE C 77 4.47 10.08 -3.50
C PHE C 77 3.05 10.45 -3.09
N CYS C 78 2.49 11.51 -3.68
CA CYS C 78 1.08 11.81 -3.46
C CYS C 78 0.19 10.73 -4.05
N GLU C 79 0.59 10.17 -5.19
CA GLU C 79 -0.20 9.11 -5.81
C GLU C 79 -0.18 7.84 -4.98
N LEU C 80 0.88 7.63 -4.20
CA LEU C 80 0.96 6.45 -3.34
C LEU C 80 0.21 6.67 -2.03
N VAL C 81 0.48 7.79 -1.37
CA VAL C 81 -0.07 8.00 -0.03
C VAL C 81 -1.52 8.44 -0.08
N PHE C 82 -1.89 9.26 -1.05
CA PHE C 82 -3.21 9.88 -1.09
C PHE C 82 -4.12 9.31 -2.17
N GLN C 83 -3.63 9.16 -3.39
CA GLN C 83 -4.50 8.76 -4.49
C GLN C 83 -4.77 7.26 -4.50
N LEU C 84 -3.75 6.46 -4.25
CA LEU C 84 -3.93 5.00 -4.30
C LEU C 84 -4.95 4.49 -3.29
N PRO C 85 -4.96 4.91 -2.02
CA PRO C 85 -6.02 4.44 -1.11
C PRO C 85 -7.41 4.91 -1.49
N PHE C 86 -7.52 5.96 -2.31
CA PHE C 86 -8.80 6.47 -2.75
C PHE C 86 -9.36 5.69 -3.94
N PHE C 87 -8.50 5.04 -4.72
CA PHE C 87 -8.98 4.35 -5.91
C PHE C 87 -9.99 3.26 -5.60
N PRO C 88 -9.76 2.33 -4.66
CA PRO C 88 -10.78 1.29 -4.42
C PRO C 88 -12.10 1.84 -3.93
N ILE C 89 -12.07 2.84 -3.05
CA ILE C 89 -13.29 3.43 -2.54
C ILE C 89 -14.04 4.16 -3.64
N ALA C 90 -13.30 4.87 -4.50
CA ALA C 90 -13.94 5.60 -5.58
C ALA C 90 -14.61 4.66 -6.58
N ALA C 91 -13.94 3.57 -6.95
CA ALA C 91 -14.53 2.64 -7.90
C ALA C 91 -15.82 2.04 -7.35
N TYR C 92 -15.84 1.71 -6.06
CA TYR C 92 -17.05 1.19 -5.43
C TYR C 92 -18.18 2.22 -5.49
N ALA C 93 -17.87 3.49 -5.21
CA ALA C 93 -18.91 4.50 -5.09
C ALA C 93 -19.61 4.77 -6.42
N PHE C 94 -18.89 4.62 -7.53
CA PHE C 94 -19.47 4.88 -8.84
C PHE C 94 -20.05 3.64 -9.50
N PHE C 95 -19.59 2.45 -9.10
CA PHE C 95 -20.25 1.24 -9.56
C PHE C 95 -21.58 1.04 -8.84
N LYS C 96 -21.61 1.27 -7.52
CA LYS C 96 -22.87 1.20 -6.79
C LYS C 96 -23.81 2.32 -7.19
N GLY C 97 -23.29 3.54 -7.30
CA GLY C 97 -24.07 4.69 -7.72
C GLY C 97 -24.81 5.38 -6.59
N GLY C 98 -24.94 6.69 -6.68
CA GLY C 98 -25.71 7.43 -5.70
C GLY C 98 -25.08 7.55 -4.33
N CYS C 99 -23.77 7.35 -4.22
CA CYS C 99 -23.06 7.49 -2.95
C CYS C 99 -22.71 8.96 -2.76
N LYS C 100 -23.61 9.67 -2.06
CA LYS C 100 -23.43 11.10 -1.83
C LYS C 100 -22.17 11.41 -1.03
N TRP C 101 -21.72 10.47 -0.17
CA TRP C 101 -20.53 10.64 0.67
C TRP C 101 -19.22 10.70 -0.14
N ILE C 102 -19.28 10.73 -1.47
CA ILE C 102 -18.07 10.84 -2.29
C ILE C 102 -17.95 12.20 -2.97
N ARG C 103 -18.98 13.06 -2.90
CA ARG C 103 -18.95 14.33 -3.61
C ARG C 103 -17.72 15.15 -3.24
N THR C 104 -17.61 15.56 -1.98
CA THR C 104 -16.46 16.35 -1.55
C THR C 104 -15.14 15.60 -1.66
N PRO C 105 -15.04 14.31 -1.32
CA PRO C 105 -13.77 13.60 -1.57
C PRO C 105 -13.38 13.55 -3.04
N ALA C 106 -14.32 13.31 -3.95
CA ALA C 106 -13.97 13.25 -5.37
C ALA C 106 -13.49 14.60 -5.88
N ILE C 107 -14.02 15.70 -5.35
CA ILE C 107 -13.54 17.02 -5.74
C ILE C 107 -12.09 17.21 -5.32
N ILE C 108 -11.72 16.72 -4.13
CA ILE C 108 -10.34 16.84 -3.68
C ILE C 108 -9.41 16.09 -4.63
N TYR C 109 -9.76 14.86 -5.00
CA TYR C 109 -8.93 14.09 -5.93
C TYR C 109 -8.82 14.78 -7.28
N SER C 110 -9.93 15.33 -7.77
CA SER C 110 -9.94 15.96 -9.09
C SER C 110 -8.99 17.15 -9.13
N VAL C 111 -9.19 18.11 -8.23
CA VAL C 111 -8.35 19.31 -8.21
C VAL C 111 -6.90 18.95 -7.94
N HIS C 112 -6.66 17.89 -7.15
CA HIS C 112 -5.29 17.44 -6.91
C HIS C 112 -4.66 16.86 -8.17
N THR C 113 -5.36 15.92 -8.81
CA THR C 113 -4.79 15.26 -9.98
C THR C 113 -4.65 16.22 -11.15
N MET C 114 -5.60 17.14 -11.31
CA MET C 114 -5.51 18.15 -12.37
C MET C 114 -4.31 19.06 -12.14
N THR C 115 -4.08 19.47 -10.88
CA THR C 115 -2.96 20.35 -10.58
C THR C 115 -1.62 19.66 -10.82
N THR C 116 -1.57 18.33 -10.74
CA THR C 116 -0.31 17.64 -11.00
C THR C 116 0.01 17.58 -12.48
N LEU C 117 -1.00 17.49 -13.34
CA LEU C 117 -0.80 17.35 -14.78
C LEU C 117 -0.56 18.66 -15.50
N ILE C 118 -0.89 19.80 -14.90
CA ILE C 118 -0.60 21.08 -15.55
C ILE C 118 0.89 21.29 -15.73
N PRO C 119 1.76 21.09 -14.72
CA PRO C 119 3.20 21.23 -14.96
C PRO C 119 3.77 20.11 -15.82
N ILE C 120 3.15 18.93 -15.82
CA ILE C 120 3.61 17.86 -16.69
C ILE C 120 3.34 18.21 -18.14
N LEU C 121 2.09 18.57 -18.47
CA LEU C 121 1.76 18.91 -19.85
C LEU C 121 2.47 20.17 -20.30
N SER C 122 2.74 21.10 -19.37
CA SER C 122 3.49 22.30 -19.73
C SER C 122 4.95 21.96 -20.03
N THR C 123 5.55 21.11 -19.20
CA THR C 123 6.95 20.74 -19.44
C THR C 123 7.10 19.91 -20.70
N LEU C 124 6.16 19.00 -20.96
CA LEU C 124 6.26 18.14 -22.14
C LEU C 124 6.16 18.95 -23.42
N LEU C 125 5.37 20.02 -23.41
CA LEU C 125 5.09 20.77 -24.60
C LEU C 125 5.99 21.99 -24.79
N LEU C 126 6.56 22.53 -23.71
CA LEU C 126 7.23 23.82 -23.77
C LEU C 126 8.64 23.83 -23.18
N ASP C 127 9.22 22.68 -22.88
CA ASP C 127 10.58 22.62 -22.35
C ASP C 127 11.53 22.07 -23.40
N ASP C 128 12.78 22.53 -23.36
CA ASP C 128 13.78 22.14 -24.34
C ASP C 128 14.54 20.92 -23.84
N PHE C 129 14.44 19.82 -24.58
CA PHE C 129 15.12 18.58 -24.21
C PHE C 129 16.36 18.29 -25.05
N SER C 130 16.46 18.85 -26.26
CA SER C 130 17.67 18.71 -27.05
C SER C 130 18.87 19.33 -26.36
N LYS C 131 18.66 20.43 -25.64
CA LYS C 131 19.72 21.07 -24.87
C LYS C 131 20.19 20.15 -23.76
N ALA C 132 21.42 19.67 -23.84
CA ALA C 132 21.94 18.73 -22.86
C ALA C 132 22.12 19.38 -21.50
N GLY C 137 19.30 14.64 -22.81
CA GLY C 137 18.84 14.34 -24.15
C GLY C 137 17.93 13.14 -24.24
N GLN C 138 16.93 13.08 -23.36
CA GLN C 138 15.99 11.97 -23.32
C GLN C 138 14.59 12.34 -23.79
N GLY C 139 14.19 13.60 -23.65
CA GLY C 139 12.85 13.99 -23.97
C GLY C 139 12.60 14.03 -25.47
N PRO C 140 11.37 14.40 -25.82
CA PRO C 140 11.00 14.46 -27.24
C PRO C 140 11.66 15.64 -27.94
N LYS C 141 11.88 15.48 -29.24
CA LYS C 141 12.46 16.51 -30.08
C LYS C 141 11.45 17.10 -31.06
N THR C 142 10.79 16.26 -31.85
CA THR C 142 9.79 16.71 -32.80
C THR C 142 8.50 17.08 -32.08
N PHE C 143 7.61 17.75 -32.82
CA PHE C 143 6.31 18.06 -32.26
C PHE C 143 5.42 16.82 -32.18
N GLN C 144 5.64 15.85 -33.06
CA GLN C 144 4.88 14.60 -33.01
C GLN C 144 5.21 13.80 -31.76
N GLU C 145 6.50 13.70 -31.42
CA GLU C 145 6.89 12.96 -30.23
C GLU C 145 6.35 13.59 -28.95
N ARG C 146 6.08 14.89 -28.97
CA ARG C 146 5.48 15.53 -27.80
C ARG C 146 3.99 15.22 -27.69
N LEU C 147 3.30 15.10 -28.82
CA LEU C 147 1.89 14.73 -28.78
C LEU C 147 1.69 13.27 -28.42
N PHE C 148 2.62 12.40 -28.84
CA PHE C 148 2.54 11.00 -28.46
C PHE C 148 2.68 10.85 -26.94
N LEU C 149 3.50 11.70 -26.33
CA LEU C 149 3.68 11.64 -24.88
C LEU C 149 2.55 12.36 -24.15
N ILE C 150 2.00 13.41 -24.75
CA ILE C 150 0.87 14.10 -24.14
C ILE C 150 -0.36 13.20 -24.12
N SER C 151 -0.53 12.36 -25.15
CA SER C 151 -1.69 11.48 -25.22
C SER C 151 -1.71 10.51 -24.04
N VAL C 152 -0.55 10.10 -23.54
CA VAL C 152 -0.49 9.21 -22.39
C VAL C 152 -0.82 9.93 -21.08
N TYR C 153 -0.70 11.26 -21.05
CA TYR C 153 -0.92 12.03 -19.83
C TYR C 153 -2.22 12.82 -19.82
N ILE C 154 -2.76 13.17 -20.99
CA ILE C 154 -3.95 14.03 -21.08
C ILE C 154 -5.20 13.38 -20.50
N PRO C 155 -5.40 12.05 -20.58
CA PRO C 155 -6.62 11.49 -19.96
C PRO C 155 -6.63 11.58 -18.44
N TYR C 156 -5.48 11.81 -17.81
CA TYR C 156 -5.42 11.97 -16.36
C TYR C 156 -5.66 13.41 -15.94
N PHE C 157 -5.90 14.31 -16.88
CA PHE C 157 -6.35 15.66 -16.62
C PHE C 157 -7.81 15.87 -16.99
N LEU C 158 -8.24 15.33 -18.13
CA LEU C 158 -9.60 15.53 -18.61
C LEU C 158 -10.61 14.68 -17.84
N ILE C 159 -10.25 13.44 -17.51
CA ILE C 159 -11.17 12.61 -16.72
C ILE C 159 -11.37 13.17 -15.33
N PRO C 160 -10.35 13.63 -14.60
CA PRO C 160 -10.62 14.37 -13.36
C PRO C 160 -11.31 15.70 -13.59
N LEU C 161 -11.13 16.32 -14.76
CA LEU C 161 -11.86 17.55 -15.04
C LEU C 161 -13.34 17.28 -15.22
N ILE C 162 -13.68 16.21 -15.94
CA ILE C 162 -15.09 15.83 -16.11
C ILE C 162 -15.70 15.45 -14.78
N LEU C 163 -14.92 14.78 -13.92
CA LEU C 163 -15.40 14.42 -12.59
C LEU C 163 -15.70 15.66 -11.76
N LEU C 164 -14.87 16.71 -11.91
CA LEU C 164 -15.08 17.93 -11.14
C LEU C 164 -16.39 18.61 -11.54
N LEU C 165 -16.63 18.77 -12.85
CA LEU C 165 -17.89 19.34 -13.30
C LEU C 165 -19.06 18.44 -12.92
N PHE C 166 -18.81 17.15 -12.76
CA PHE C 166 -19.88 16.23 -12.37
C PHE C 166 -20.26 16.41 -10.91
N MET C 167 -19.28 16.69 -10.04
CA MET C 167 -19.52 16.81 -8.61
C MET C 167 -19.93 18.20 -8.17
N VAL C 168 -19.60 19.23 -8.96
CA VAL C 168 -19.82 20.60 -8.51
C VAL C 168 -21.32 20.92 -8.45
N ARG C 169 -22.09 20.45 -9.43
CA ARG C 169 -23.48 20.89 -9.58
C ARG C 169 -24.39 19.71 -9.90
N ASN C 170 -24.21 18.58 -9.22
CA ASN C 170 -25.08 17.44 -9.41
C ASN C 170 -26.04 17.33 -8.24
N PRO C 171 -27.35 17.46 -8.46
CA PRO C 171 -28.31 17.29 -7.36
C PRO C 171 -28.35 15.88 -6.79
N TYR C 172 -27.75 14.90 -7.47
CA TYR C 172 -27.71 13.53 -6.97
C TYR C 172 -26.63 13.34 -5.91
N TYR C 173 -25.69 14.27 -5.78
CA TYR C 173 -24.60 14.12 -4.83
C TYR C 173 -24.55 15.25 -3.80
N GLY D 11 -15.78 35.47 18.86
CA GLY D 11 -16.10 34.27 18.11
C GLY D 11 -14.89 33.60 17.50
N ALA D 12 -14.74 32.29 17.75
CA ALA D 12 -13.62 31.55 17.18
C ALA D 12 -13.75 31.46 15.66
N ARG D 13 -14.93 31.07 15.18
CA ARG D 13 -15.17 31.04 13.74
C ARG D 13 -15.01 32.43 13.12
N ARG D 14 -15.56 33.45 13.77
CA ARG D 14 -15.53 34.80 13.22
C ARG D 14 -14.10 35.30 13.09
N GLY D 15 -13.29 35.10 14.14
CA GLY D 15 -11.89 35.51 14.07
C GLY D 15 -11.13 34.80 12.97
N LEU D 16 -11.37 33.49 12.80
CA LEU D 16 -10.73 32.75 11.73
C LEU D 16 -11.19 33.26 10.36
N GLU D 17 -12.45 33.68 10.26
CA GLU D 17 -12.93 34.28 9.02
C GLU D 17 -12.32 35.65 8.77
N TRP D 18 -12.01 36.39 9.83
CA TRP D 18 -11.29 37.65 9.66
C TRP D 18 -9.85 37.39 9.22
N PHE D 19 -9.20 36.39 9.82
CA PHE D 19 -7.82 36.09 9.44
C PHE D 19 -7.73 35.58 8.01
N LEU D 20 -8.65 34.69 7.61
CA LEU D 20 -8.69 34.26 6.22
C LEU D 20 -8.96 35.43 5.29
N GLY D 21 -9.78 36.39 5.74
CA GLY D 21 -10.08 37.54 4.89
C GLY D 21 -8.85 38.36 4.57
N PHE D 22 -8.00 38.61 5.57
CA PHE D 22 -6.75 39.33 5.33
C PHE D 22 -5.75 38.49 4.55
N TYR D 23 -5.90 37.18 4.54
CA TYR D 23 -5.03 36.34 3.72
C TYR D 23 -5.30 36.58 2.23
N PHE D 24 -6.57 36.59 1.84
CA PHE D 24 -6.90 36.79 0.43
C PHE D 24 -6.74 38.24 0.03
N LEU D 25 -6.91 39.17 0.97
CA LEU D 25 -6.78 40.58 0.64
C LEU D 25 -5.31 40.95 0.42
N SER D 26 -4.43 40.57 1.34
CA SER D 26 -3.01 40.84 1.21
C SER D 26 -2.32 40.00 0.13
N HIS D 27 -2.98 38.94 -0.34
CA HIS D 27 -2.39 38.14 -1.41
C HIS D 27 -2.59 38.75 -2.80
N ILE D 28 -3.41 39.78 -2.90
CA ILE D 28 -3.61 40.48 -4.17
C ILE D 28 -2.39 41.33 -4.48
N PRO D 29 -1.86 42.14 -3.55
CA PRO D 29 -0.61 42.84 -3.85
C PRO D 29 0.59 41.90 -3.95
N ILE D 30 0.58 40.79 -3.22
CA ILE D 30 1.71 39.87 -3.28
C ILE D 30 1.76 39.15 -4.62
N THR D 31 0.61 38.76 -5.15
CA THR D 31 0.58 38.09 -6.45
C THR D 31 0.98 39.03 -7.57
N LEU D 32 0.34 40.21 -7.62
CA LEU D 32 0.61 41.13 -8.73
C LEU D 32 2.02 41.70 -8.67
N LEU D 33 2.39 42.31 -7.54
CA LEU D 33 3.62 43.08 -7.48
C LEU D 33 4.86 42.22 -7.27
N MET D 34 4.71 40.90 -7.06
CA MET D 34 5.88 40.10 -6.72
C MET D 34 5.89 38.78 -7.48
N ASP D 35 4.83 37.98 -7.33
CA ASP D 35 4.82 36.63 -7.89
C ASP D 35 4.71 36.65 -9.41
N LEU D 36 3.94 37.59 -9.96
CA LEU D 36 3.68 37.62 -11.39
C LEU D 36 4.74 38.36 -12.19
N GLN D 37 5.79 38.85 -11.53
CA GLN D 37 6.87 39.49 -12.29
C GLN D 37 7.65 38.49 -13.13
N GLY D 38 7.53 37.19 -12.85
CA GLY D 38 8.20 36.18 -13.62
C GLY D 38 7.48 35.68 -14.85
N VAL D 39 6.22 36.06 -15.04
CA VAL D 39 5.43 35.61 -16.18
C VAL D 39 4.98 36.82 -16.99
N LEU D 40 4.71 37.92 -16.31
CA LEU D 40 4.32 39.15 -16.98
C LEU D 40 5.55 39.90 -17.48
N PRO D 41 5.43 40.66 -18.56
CA PRO D 41 6.58 41.43 -19.07
C PRO D 41 7.06 42.44 -18.04
N ARG D 42 8.38 42.69 -18.07
CA ARG D 42 8.99 43.57 -17.09
C ARG D 42 8.60 45.03 -17.30
N ASP D 43 8.22 45.40 -18.53
CA ASP D 43 7.89 46.79 -18.82
C ASP D 43 6.58 47.24 -18.20
N LEU D 44 5.79 46.32 -17.65
CA LEU D 44 4.60 46.69 -16.89
C LEU D 44 4.94 47.16 -15.48
N TYR D 45 6.13 46.82 -14.97
CA TYR D 45 6.51 47.12 -13.60
C TYR D 45 7.51 48.26 -13.54
N PRO D 46 7.35 49.18 -12.59
CA PRO D 46 8.36 50.25 -12.43
C PRO D 46 9.71 49.67 -12.03
N VAL D 47 10.73 50.53 -12.15
CA VAL D 47 12.08 50.09 -11.80
C VAL D 47 12.20 49.83 -10.31
N GLU D 48 11.43 50.56 -9.50
CA GLU D 48 11.44 50.33 -8.06
C GLU D 48 10.93 48.93 -7.72
N LEU D 49 9.76 48.57 -8.24
CA LEU D 49 9.20 47.26 -7.95
C LEU D 49 10.04 46.14 -8.56
N ARG D 50 10.71 46.41 -9.68
CA ARG D 50 11.60 45.41 -10.25
C ARG D 50 12.79 45.16 -9.34
N ASN D 51 13.33 46.23 -8.75
CA ASN D 51 14.45 46.08 -7.82
C ASN D 51 14.03 45.48 -6.49
N LEU D 52 12.78 45.72 -6.07
CA LEU D 52 12.30 45.13 -4.83
C LEU D 52 12.27 43.61 -4.90
N GLN D 53 11.99 43.05 -6.08
CA GLN D 53 12.02 41.60 -6.23
C GLN D 53 13.45 41.08 -6.15
N GLN D 54 14.41 41.83 -6.70
CA GLN D 54 15.81 41.42 -6.60
C GLN D 54 16.28 41.40 -5.15
N TRP D 55 15.83 42.38 -4.35
CA TRP D 55 16.14 42.34 -2.92
C TRP D 55 15.72 41.02 -2.31
N TYR D 56 14.49 40.58 -2.61
CA TYR D 56 14.00 39.32 -2.08
C TYR D 56 14.78 38.14 -2.67
N ILE D 57 14.99 38.14 -3.99
CA ILE D 57 15.63 37.01 -4.65
C ILE D 57 17.10 36.89 -4.26
N GLU D 58 17.76 38.02 -3.96
CA GLU D 58 19.15 37.94 -3.55
C GLU D 58 19.28 37.58 -2.08
N GLU D 59 18.35 38.09 -1.25
CA GLU D 59 18.43 37.83 0.18
C GLU D 59 18.01 36.40 0.51
N PHE D 60 16.84 35.98 0.03
CA PHE D 60 16.34 34.64 0.33
C PHE D 60 16.88 33.58 -0.61
N LYS D 61 17.58 33.98 -1.67
CA LYS D 61 18.17 33.06 -2.65
C LYS D 61 17.10 32.14 -3.25
N ASP D 62 16.09 32.76 -3.84
CA ASP D 62 14.98 32.05 -4.45
C ASP D 62 15.33 31.64 -5.88
N PRO D 63 15.50 30.35 -6.14
CA PRO D 63 15.85 29.88 -7.49
C PRO D 63 14.66 29.69 -8.41
N LEU D 64 13.45 29.76 -7.89
CA LEU D 64 12.27 29.49 -8.70
C LEU D 64 11.68 30.77 -9.29
N LEU D 65 11.70 31.87 -8.54
CA LEU D 65 11.26 33.15 -9.08
C LEU D 65 12.32 33.83 -9.92
N GLN D 66 13.60 33.52 -9.70
CA GLN D 66 14.65 34.09 -10.54
C GLN D 66 14.62 33.48 -11.94
N THR D 67 14.85 32.17 -12.03
CA THR D 67 14.84 31.44 -13.29
C THR D 67 13.68 30.45 -13.25
N PRO D 68 12.47 30.90 -13.58
CA PRO D 68 11.29 30.04 -13.43
C PRO D 68 11.34 28.86 -14.38
N PRO D 69 11.35 27.64 -13.87
CA PRO D 69 11.25 26.46 -14.75
C PRO D 69 9.83 26.32 -15.28
N ALA D 70 9.70 25.45 -16.28
CA ALA D 70 8.40 25.30 -16.94
C ALA D 70 7.32 24.80 -16.00
N TRP D 71 7.70 24.05 -14.97
CA TRP D 71 6.70 23.58 -14.01
C TRP D 71 6.31 24.70 -13.04
N PHE D 72 7.25 25.54 -12.64
CA PHE D 72 6.92 26.63 -11.73
C PHE D 72 6.16 27.73 -12.46
N LYS D 73 6.44 27.94 -13.76
CA LYS D 73 5.70 28.90 -14.56
C LYS D 73 4.22 28.55 -14.69
N SER D 74 3.90 27.25 -14.77
CA SER D 74 2.51 26.84 -14.88
C SER D 74 1.71 27.24 -13.65
N PHE D 75 2.34 27.17 -12.46
CA PHE D 75 1.65 27.57 -11.25
C PHE D 75 1.48 29.08 -11.17
N LEU D 76 2.38 29.84 -11.80
CA LEU D 76 2.22 31.29 -11.81
C LEU D 76 1.08 31.72 -12.72
N PHE D 77 0.90 31.01 -13.84
CA PHE D 77 -0.26 31.29 -14.71
C PHE D 77 -1.55 30.79 -14.08
N CYS D 78 -1.51 29.68 -13.35
CA CYS D 78 -2.67 29.29 -12.55
C CYS D 78 -3.01 30.37 -11.54
N GLU D 79 -1.98 30.98 -10.94
CA GLU D 79 -2.21 32.03 -9.95
C GLU D 79 -2.82 33.27 -10.58
N LEU D 80 -2.55 33.53 -11.87
CA LEU D 80 -3.07 34.72 -12.51
C LEU D 80 -4.49 34.53 -13.03
N VAL D 81 -4.80 33.34 -13.56
CA VAL D 81 -6.09 33.12 -14.20
C VAL D 81 -7.13 32.60 -13.23
N PHE D 82 -6.72 31.74 -12.29
CA PHE D 82 -7.66 31.11 -11.36
C PHE D 82 -7.60 31.72 -9.97
N GLN D 83 -6.41 31.83 -9.38
CA GLN D 83 -6.31 32.23 -7.99
C GLN D 83 -6.61 33.71 -7.81
N LEU D 84 -5.97 34.56 -8.62
CA LEU D 84 -6.15 36.00 -8.48
C LEU D 84 -7.60 36.46 -8.58
N PRO D 85 -8.42 35.98 -9.52
CA PRO D 85 -9.84 36.38 -9.52
C PRO D 85 -10.60 35.92 -8.28
N PHE D 86 -10.15 34.85 -7.64
CA PHE D 86 -10.82 34.31 -6.47
C PHE D 86 -10.50 35.08 -5.20
N PHE D 87 -9.36 35.77 -5.15
CA PHE D 87 -8.96 36.47 -3.93
C PHE D 87 -9.98 37.49 -3.45
N PRO D 88 -10.48 38.42 -4.29
CA PRO D 88 -11.43 39.41 -3.75
C PRO D 88 -12.76 38.78 -3.37
N ILE D 89 -13.25 37.83 -4.16
CA ILE D 89 -14.52 37.17 -3.84
C ILE D 89 -14.44 36.51 -2.47
N ALA D 90 -13.37 35.75 -2.24
CA ALA D 90 -13.22 35.07 -0.95
C ALA D 90 -13.10 36.06 0.20
N ALA D 91 -12.36 37.15 -0.02
CA ALA D 91 -12.16 38.13 1.05
C ALA D 91 -13.49 38.75 1.48
N TYR D 92 -14.36 39.05 0.52
CA TYR D 92 -15.69 39.54 0.86
C TYR D 92 -16.50 38.47 1.58
N ALA D 93 -16.38 37.21 1.15
CA ALA D 93 -17.15 36.13 1.75
C ALA D 93 -16.72 35.83 3.18
N PHE D 94 -15.51 36.21 3.56
CA PHE D 94 -15.02 36.00 4.92
C PHE D 94 -15.08 37.26 5.78
N PHE D 95 -14.95 38.45 5.17
CA PHE D 95 -15.17 39.67 5.94
C PHE D 95 -16.64 39.83 6.29
N LYS D 96 -17.53 39.49 5.35
CA LYS D 96 -18.96 39.51 5.64
C LYS D 96 -19.35 38.36 6.56
N GLY D 97 -19.01 37.14 6.15
CA GLY D 97 -19.32 35.95 6.93
C GLY D 97 -20.67 35.36 6.58
N GLY D 98 -20.81 34.07 6.89
CA GLY D 98 -22.05 33.37 6.65
C GLY D 98 -22.28 32.92 5.23
N CYS D 99 -21.46 33.37 4.28
CA CYS D 99 -21.62 32.95 2.89
C CYS D 99 -21.25 31.47 2.75
N LYS D 100 -22.22 30.65 2.35
CA LYS D 100 -22.04 29.22 2.23
C LYS D 100 -21.84 28.76 0.79
N TRP D 101 -21.95 29.67 -0.18
CA TRP D 101 -21.59 29.36 -1.56
C TRP D 101 -20.09 29.38 -1.79
N ILE D 102 -19.30 29.80 -0.79
CA ILE D 102 -17.86 29.88 -0.91
C ILE D 102 -17.16 28.56 -0.57
N ARG D 103 -17.88 27.59 0.00
CA ARG D 103 -17.25 26.37 0.49
C ARG D 103 -16.62 25.57 -0.64
N THR D 104 -17.42 25.16 -1.63
CA THR D 104 -16.87 24.40 -2.74
C THR D 104 -15.80 25.17 -3.53
N PRO D 105 -15.93 26.47 -3.78
CA PRO D 105 -14.80 27.19 -4.37
C PRO D 105 -13.58 27.27 -3.46
N ALA D 106 -13.79 27.29 -2.14
CA ALA D 106 -12.65 27.33 -1.21
C ALA D 106 -11.95 25.99 -1.12
N ILE D 107 -12.68 24.89 -1.27
CA ILE D 107 -12.04 23.57 -1.32
C ILE D 107 -11.17 23.46 -2.56
N ILE D 108 -11.69 23.91 -3.70
CA ILE D 108 -10.93 23.84 -4.94
C ILE D 108 -9.66 24.68 -4.85
N TYR D 109 -9.76 25.88 -4.25
CA TYR D 109 -8.58 26.72 -4.09
C TYR D 109 -7.57 26.08 -3.15
N SER D 110 -8.04 25.56 -2.02
CA SER D 110 -7.12 25.03 -1.01
C SER D 110 -6.34 23.82 -1.54
N VAL D 111 -7.04 22.84 -2.10
CA VAL D 111 -6.36 21.66 -2.63
C VAL D 111 -5.41 22.05 -3.76
N HIS D 112 -5.77 23.07 -4.55
CA HIS D 112 -4.91 23.49 -5.64
C HIS D 112 -3.61 24.09 -5.14
N THR D 113 -3.70 25.10 -4.27
CA THR D 113 -2.49 25.78 -3.80
C THR D 113 -1.60 24.82 -3.02
N MET D 114 -2.19 24.00 -2.14
CA MET D 114 -1.39 23.01 -1.42
C MET D 114 -0.67 22.07 -2.37
N THR D 115 -1.37 21.64 -3.43
CA THR D 115 -0.74 20.75 -4.40
C THR D 115 0.40 21.44 -5.15
N THR D 116 0.35 22.77 -5.27
CA THR D 116 1.44 23.47 -5.94
C THR D 116 2.68 23.61 -5.07
N LEU D 117 2.51 23.61 -3.74
CA LEU D 117 3.65 23.83 -2.85
C LEU D 117 4.33 22.54 -2.41
N ILE D 118 3.68 21.39 -2.54
CA ILE D 118 4.35 20.13 -2.25
C ILE D 118 5.60 19.95 -3.11
N PRO D 119 5.56 20.12 -4.44
CA PRO D 119 6.81 20.06 -5.20
C PRO D 119 7.73 21.23 -4.92
N ILE D 120 7.18 22.41 -4.61
CA ILE D 120 8.01 23.59 -4.38
C ILE D 120 8.83 23.41 -3.11
N LEU D 121 8.18 23.01 -2.02
CA LEU D 121 8.91 22.78 -0.78
C LEU D 121 9.87 21.59 -0.91
N SER D 122 9.49 20.57 -1.68
CA SER D 122 10.37 19.43 -1.89
C SER D 122 11.64 19.84 -2.63
N THR D 123 11.50 20.74 -3.61
CA THR D 123 12.67 21.18 -4.37
C THR D 123 13.58 22.07 -3.51
N LEU D 124 13.01 23.03 -2.79
CA LEU D 124 13.80 23.94 -1.99
C LEU D 124 14.47 23.26 -0.79
N LEU D 125 14.09 22.02 -0.50
CA LEU D 125 14.63 21.29 0.65
C LEU D 125 15.55 20.14 0.27
N LEU D 126 15.21 19.40 -0.79
CA LEU D 126 15.94 18.18 -1.13
C LEU D 126 16.82 18.29 -2.36
N ASP D 127 16.68 19.37 -3.14
CA ASP D 127 17.41 19.50 -4.39
C ASP D 127 18.79 20.08 -4.13
N ASP D 128 19.61 20.16 -5.19
CA ASP D 128 20.99 20.60 -5.11
C ASP D 128 21.15 21.88 -5.90
N PHE D 129 21.62 22.94 -5.25
CA PHE D 129 21.78 24.24 -5.88
C PHE D 129 23.24 24.68 -5.95
N SER D 130 24.19 23.80 -5.66
CA SER D 130 25.60 24.15 -5.67
C SER D 130 26.11 24.35 -7.09
N LYS D 131 26.12 23.27 -7.88
CA LYS D 131 26.48 23.36 -9.29
C LYS D 131 25.25 23.02 -10.14
N ALA D 132 24.18 23.79 -9.96
CA ALA D 132 22.91 23.47 -10.58
C ALA D 132 22.99 23.59 -12.10
N SER D 133 22.37 22.63 -12.79
CA SER D 133 22.39 22.61 -14.25
C SER D 133 21.52 23.71 -14.85
N HIS D 134 20.62 24.30 -14.07
CA HIS D 134 19.75 25.36 -14.58
C HIS D 134 19.49 26.47 -13.58
N PHE D 135 19.79 26.30 -12.30
CA PHE D 135 19.58 27.34 -11.31
C PHE D 135 20.77 28.27 -11.16
N ARG D 136 21.86 28.05 -11.91
CA ARG D 136 22.97 28.99 -11.99
C ARG D 136 23.64 29.22 -10.63
N GLY D 137 23.74 28.20 -9.80
CA GLY D 137 24.29 28.39 -8.48
C GLY D 137 23.43 29.22 -7.54
N GLN D 138 22.44 29.93 -8.05
CA GLN D 138 21.51 30.66 -7.19
C GLN D 138 20.56 29.70 -6.51
N GLY D 139 20.36 29.91 -5.21
CA GLY D 139 19.55 29.02 -4.42
C GLY D 139 20.21 28.74 -3.10
N PRO D 140 19.45 28.14 -2.17
CA PRO D 140 20.00 27.89 -0.84
C PRO D 140 21.16 26.91 -0.90
N LYS D 141 22.24 27.26 -0.20
CA LYS D 141 23.43 26.41 -0.12
C LYS D 141 23.52 25.66 1.20
N THR D 142 23.09 26.26 2.30
CA THR D 142 23.10 25.61 3.61
C THR D 142 21.68 25.25 4.02
N PHE D 143 21.59 24.46 5.10
CA PHE D 143 20.27 24.11 5.62
C PHE D 143 19.55 25.31 6.20
N GLN D 144 20.29 26.25 6.81
CA GLN D 144 19.67 27.46 7.35
C GLN D 144 19.10 28.33 6.23
N GLU D 145 19.79 28.38 5.10
CA GLU D 145 19.28 29.13 3.95
C GLU D 145 18.06 28.45 3.33
N ARG D 146 17.97 27.13 3.44
CA ARG D 146 16.78 26.43 2.96
C ARG D 146 15.57 26.78 3.81
N LEU D 147 15.72 26.73 5.14
CA LEU D 147 14.63 27.11 6.03
C LEU D 147 14.26 28.57 5.89
N PHE D 148 15.24 29.43 5.58
CA PHE D 148 14.97 30.85 5.37
C PHE D 148 14.05 31.08 4.18
N LEU D 149 14.18 30.25 3.15
CA LEU D 149 13.31 30.32 1.98
C LEU D 149 12.00 29.57 2.17
N ILE D 150 12.03 28.47 2.92
CA ILE D 150 10.81 27.73 3.22
C ILE D 150 9.84 28.60 4.03
N SER D 151 10.37 29.45 4.91
CA SER D 151 9.51 30.29 5.74
C SER D 151 8.63 31.19 4.89
N VAL D 152 9.08 31.60 3.72
CA VAL D 152 8.28 32.46 2.85
C VAL D 152 7.16 31.67 2.19
N TYR D 153 7.45 30.43 1.78
CA TYR D 153 6.48 29.61 1.06
C TYR D 153 5.58 28.79 1.97
N ILE D 154 5.99 28.52 3.21
CA ILE D 154 5.23 27.66 4.10
C ILE D 154 3.87 28.26 4.49
N PRO D 155 3.65 29.59 4.54
CA PRO D 155 2.29 30.06 4.87
C PRO D 155 1.27 29.71 3.79
N TYR D 156 1.68 29.57 2.54
CA TYR D 156 0.75 29.30 1.45
C TYR D 156 0.43 27.82 1.30
N PHE D 157 0.89 26.99 2.23
CA PHE D 157 0.42 25.62 2.38
C PHE D 157 -0.37 25.43 3.66
N LEU D 158 0.03 26.09 4.75
CA LEU D 158 -0.65 25.91 6.03
C LEU D 158 -1.98 26.67 6.08
N ILE D 159 -2.00 27.91 5.61
CA ILE D 159 -3.26 28.67 5.60
C ILE D 159 -4.30 28.01 4.70
N PRO D 160 -3.98 27.54 3.49
CA PRO D 160 -4.98 26.78 2.73
C PRO D 160 -5.34 25.46 3.40
N LEU D 161 -4.42 24.87 4.16
CA LEU D 161 -4.75 23.64 4.88
C LEU D 161 -5.80 23.91 5.95
N ILE D 162 -5.67 25.03 6.66
CA ILE D 162 -6.70 25.43 7.61
C ILE D 162 -8.02 25.66 6.88
N LEU D 163 -7.96 26.23 5.68
CA LEU D 163 -9.18 26.51 4.93
C LEU D 163 -9.85 25.22 4.46
N LEU D 164 -9.06 24.23 4.03
CA LEU D 164 -9.64 22.95 3.65
C LEU D 164 -10.31 22.28 4.84
N LEU D 165 -9.62 22.22 5.98
CA LEU D 165 -10.19 21.60 7.16
C LEU D 165 -11.38 22.39 7.68
N PHE D 166 -11.31 23.72 7.62
CA PHE D 166 -12.42 24.54 8.09
C PHE D 166 -13.67 24.34 7.23
N MET D 167 -13.51 24.07 5.93
CA MET D 167 -14.67 23.95 5.06
C MET D 167 -15.32 22.58 5.16
N VAL D 168 -14.51 21.51 5.21
CA VAL D 168 -15.07 20.17 5.22
C VAL D 168 -15.82 19.86 6.52
N ARG D 169 -15.59 20.63 7.58
CA ARG D 169 -16.22 20.36 8.88
C ARG D 169 -17.15 21.45 9.36
N ASN D 170 -17.18 22.62 8.73
CA ASN D 170 -18.01 23.72 9.22
C ASN D 170 -19.48 23.32 9.14
N PRO D 171 -20.21 23.30 10.27
CA PRO D 171 -21.61 22.83 10.23
C PRO D 171 -22.50 23.64 9.31
N TYR D 172 -22.42 24.97 9.36
CA TYR D 172 -23.26 25.81 8.51
C TYR D 172 -22.78 25.80 7.06
N TYR D 173 -21.48 26.00 6.83
CA TYR D 173 -20.94 26.03 5.48
C TYR D 173 -21.07 24.66 4.79
#